data_8C63
# 
_entry.id   8C63 
# 
_audit_conform.dict_name       mmcif_pdbx.dic 
_audit_conform.dict_version    5.387 
_audit_conform.dict_location   http://mmcif.pdb.org/dictionaries/ascii/mmcif_pdbx.dic 
# 
loop_
_database_2.database_id 
_database_2.database_code 
_database_2.pdbx_database_accession 
_database_2.pdbx_DOI 
PDB   8C63         pdb_00008c63 10.2210/pdb8c63/pdb 
WWPDB D_1292127857 ?            ?                   
# 
loop_
_pdbx_audit_revision_history.ordinal 
_pdbx_audit_revision_history.data_content_type 
_pdbx_audit_revision_history.major_revision 
_pdbx_audit_revision_history.minor_revision 
_pdbx_audit_revision_history.revision_date 
1 'Structure model' 1 0 2024-01-31 
2 'Structure model' 1 1 2024-02-07 
3 'Structure model' 1 2 2024-02-28 
# 
_pdbx_audit_revision_details.ordinal             1 
_pdbx_audit_revision_details.revision_ordinal    1 
_pdbx_audit_revision_details.data_content_type   'Structure model' 
_pdbx_audit_revision_details.provider            repository 
_pdbx_audit_revision_details.type                'Initial release' 
_pdbx_audit_revision_details.description         ? 
_pdbx_audit_revision_details.details             ? 
# 
loop_
_pdbx_audit_revision_group.ordinal 
_pdbx_audit_revision_group.revision_ordinal 
_pdbx_audit_revision_group.data_content_type 
_pdbx_audit_revision_group.group 
1 2 'Structure model' 'Database references' 
2 3 'Structure model' 'Database references' 
# 
loop_
_pdbx_audit_revision_category.ordinal 
_pdbx_audit_revision_category.revision_ordinal 
_pdbx_audit_revision_category.data_content_type 
_pdbx_audit_revision_category.category 
1 2 'Structure model' citation        
2 2 'Structure model' citation_author 
3 3 'Structure model' citation        
# 
loop_
_pdbx_audit_revision_item.ordinal 
_pdbx_audit_revision_item.revision_ordinal 
_pdbx_audit_revision_item.data_content_type 
_pdbx_audit_revision_item.item 
1 2 'Structure model' '_citation.pdbx_database_id_DOI'    
2 2 'Structure model' '_citation.pdbx_database_id_PubMed' 
3 2 'Structure model' '_citation.title'                   
4 2 'Structure model' '_citation_author.identifier_ORCID' 
5 3 'Structure model' '_citation.journal_volume'          
6 3 'Structure model' '_citation.page_first'              
7 3 'Structure model' '_citation.page_last'               
# 
_pdbx_database_status.status_code                     REL 
_pdbx_database_status.status_code_sf                  REL 
_pdbx_database_status.status_code_mr                  ? 
_pdbx_database_status.entry_id                        8C63 
_pdbx_database_status.recvd_initial_deposition_date   2023-01-11 
_pdbx_database_status.SG_entry                        N 
_pdbx_database_status.deposit_site                    PDBE 
_pdbx_database_status.process_site                    PDBE 
_pdbx_database_status.status_code_cs                  ? 
_pdbx_database_status.status_code_nmr_data            ? 
_pdbx_database_status.methods_development_category    ? 
_pdbx_database_status.pdb_format_compatible           Y 
# 
loop_
_pdbx_database_related.db_name 
_pdbx_database_related.details 
_pdbx_database_related.db_id 
_pdbx_database_related.content_type 
PDB 'cisplatin/B-DNA adduct'                     8C62 unspecified 
PDB 'arsenoplatin-1/B-DNA adduct (48 h soaking)' 8C64 unspecified 
# 
_pdbx_contact_author.id                 2 
_pdbx_contact_author.email              antonello.merlino@unina.it 
_pdbx_contact_author.name_first         Antonello 
_pdbx_contact_author.name_last          Merlino 
_pdbx_contact_author.name_mi            ? 
_pdbx_contact_author.role               'principal investigator/group leader' 
_pdbx_contact_author.identifier_ORCID   0000-0002-1045-7720 
# 
loop_
_audit_author.name 
_audit_author.pdbx_ordinal 
_audit_author.identifier_ORCID 
'Troisi, R.'  1 0000-0002-3484-3589 
'Tito, G.'    2 0000-0001-5682-3100 
'Ferraro, G.' 3 0000-0001-9385-2429 
'Sica, F.'    4 0000-0003-4501-4476 
'Merlino, A.' 5 0000-0002-1045-7720 
# 
_citation.abstract                  ? 
_citation.abstract_id_CAS           ? 
_citation.book_id_ISBN              ? 
_citation.book_publisher            ? 
_citation.book_publisher_city       ? 
_citation.book_title                ? 
_citation.coordinate_linkage        ? 
_citation.country                   UK 
_citation.database_id_Medline       ? 
_citation.details                   ? 
_citation.id                        primary 
_citation.journal_abbrev            'Dalton Trans' 
_citation.journal_id_ASTM           ? 
_citation.journal_id_CSD            ? 
_citation.journal_id_ISSN           1477-9234 
_citation.journal_full              ? 
_citation.journal_issue             ? 
_citation.journal_volume            53 
_citation.language                  ? 
_citation.page_first                3476 
_citation.page_last                 3483 
_citation.title                     'On the mechanism of action of arsenoplatins: arsenoplatin-1 binding to a B-DNA dodecamer.' 
_citation.year                      2024 
_citation.database_id_CSD           ? 
_citation.pdbx_database_id_DOI      10.1039/d3dt04302a 
_citation.pdbx_database_id_PubMed   38270175 
_citation.pdbx_database_id_patent   ? 
_citation.unpublished_flag          ? 
# 
loop_
_citation_author.citation_id 
_citation_author.name 
_citation_author.ordinal 
_citation_author.identifier_ORCID 
primary 'Troisi, R.'  1 0000-0002-3484-3589 
primary 'Tito, G.'    2 0000-0001-5682-3100 
primary 'Ferraro, G.' 3 0000-0001-9385-2429 
primary 'Sica, F.'    4 0000-0003-4501-4476 
primary 'Massai, L.'  5 0000-0003-0765-1802 
primary 'Geri, A.'    6 ?                   
primary 'Cirri, D.'   7 0000-0001-9175-9562 
primary 'Messori, L.' 8 0000-0002-9490-8014 
primary 'Merlino, A.' 9 0000-0002-1045-7720 
# 
loop_
_entity.id 
_entity.type 
_entity.src_method 
_entity.pdbx_description 
_entity.formula_weight 
_entity.pdbx_number_of_molecules 
_entity.pdbx_ec 
_entity.pdbx_mutation 
_entity.pdbx_fragment 
_entity.details 
1 polymer     syn 
;DNA (5'-D(*CP*GP*CP*GP*AP*AP*TP*TP*CP*GP*CP*G)-3')
;
3663.392 2  ? ? ? ? 
2 non-polymer syn 'PLATINUM (II) ION'                                  195.078  1  ? ? ? ? 
3 non-polymer syn 'MAGNESIUM ION'                                      24.305   1  ? ? ? ? 
4 non-polymer syn arsenoplatin-1                                       418.117  1  ? ? ? ? 
5 water       nat water                                                18.015   69 ? ? ? ? 
# 
_entity_poly.entity_id                      1 
_entity_poly.type                           polydeoxyribonucleotide 
_entity_poly.nstd_linkage                   no 
_entity_poly.nstd_monomer                   no 
_entity_poly.pdbx_seq_one_letter_code       '(DC)(DG)(DC)(DG)(DA)(DA)(DT)(DT)(DC)(DG)(DC)(DG)' 
_entity_poly.pdbx_seq_one_letter_code_can   CGCGAATTCGCG 
_entity_poly.pdbx_strand_id                 A,B 
_entity_poly.pdbx_target_identifier         ? 
# 
loop_
_pdbx_entity_nonpoly.entity_id 
_pdbx_entity_nonpoly.name 
_pdbx_entity_nonpoly.comp_id 
2 'PLATINUM (II) ION' PT  
3 'MAGNESIUM ION'     MG  
4 arsenoplatin-1      A6R 
5 water               HOH 
# 
loop_
_entity_poly_seq.entity_id 
_entity_poly_seq.num 
_entity_poly_seq.mon_id 
_entity_poly_seq.hetero 
1 1  DC n 
1 2  DG n 
1 3  DC n 
1 4  DG n 
1 5  DA n 
1 6  DA n 
1 7  DT n 
1 8  DT n 
1 9  DC n 
1 10 DG n 
1 11 DC n 
1 12 DG n 
# 
_pdbx_entity_src_syn.entity_id              1 
_pdbx_entity_src_syn.pdbx_src_id            1 
_pdbx_entity_src_syn.pdbx_alt_source_flag   sample 
_pdbx_entity_src_syn.pdbx_beg_seq_num       1 
_pdbx_entity_src_syn.pdbx_end_seq_num       12 
_pdbx_entity_src_syn.organism_scientific    'synthetic construct' 
_pdbx_entity_src_syn.organism_common_name   ? 
_pdbx_entity_src_syn.ncbi_taxonomy_id       32630 
_pdbx_entity_src_syn.details                ? 
# 
loop_
_chem_comp.id 
_chem_comp.type 
_chem_comp.mon_nstd_flag 
_chem_comp.name 
_chem_comp.pdbx_synonyms 
_chem_comp.formula 
_chem_comp.formula_weight 
A6R non-polymer   . arsenoplatin-1                       ? 'C4 H8 As N2 O4 Pt' 418.117 
DA  'DNA linking' y "2'-DEOXYADENOSINE-5'-MONOPHOSPHATE" ? 'C10 H14 N5 O6 P'   331.222 
DC  'DNA linking' y "2'-DEOXYCYTIDINE-5'-MONOPHOSPHATE"  ? 'C9 H14 N3 O7 P'    307.197 
DG  'DNA linking' y "2'-DEOXYGUANOSINE-5'-MONOPHOSPHATE" ? 'C10 H14 N5 O7 P'   347.221 
DT  'DNA linking' y "THYMIDINE-5'-MONOPHOSPHATE"         ? 'C10 H15 N2 O8 P'   322.208 
HOH non-polymer   . WATER                                ? 'H2 O'              18.015  
MG  non-polymer   . 'MAGNESIUM ION'                      ? 'Mg 2'              24.305  
PT  non-polymer   . 'PLATINUM (II) ION'                  ? 'Pt 2'              195.078 
# 
loop_
_pdbx_poly_seq_scheme.asym_id 
_pdbx_poly_seq_scheme.entity_id 
_pdbx_poly_seq_scheme.seq_id 
_pdbx_poly_seq_scheme.mon_id 
_pdbx_poly_seq_scheme.ndb_seq_num 
_pdbx_poly_seq_scheme.pdb_seq_num 
_pdbx_poly_seq_scheme.auth_seq_num 
_pdbx_poly_seq_scheme.pdb_mon_id 
_pdbx_poly_seq_scheme.auth_mon_id 
_pdbx_poly_seq_scheme.pdb_strand_id 
_pdbx_poly_seq_scheme.pdb_ins_code 
_pdbx_poly_seq_scheme.hetero 
A 1 1  DC 1  1  1  DC DC A . n 
A 1 2  DG 2  2  2  DG DG A . n 
A 1 3  DC 3  3  3  DC DC A . n 
A 1 4  DG 4  4  4  DG DG A . n 
A 1 5  DA 5  5  5  DA DA A . n 
A 1 6  DA 6  6  6  DA DA A . n 
A 1 7  DT 7  7  7  DT DT A . n 
A 1 8  DT 8  8  8  DT DT A . n 
A 1 9  DC 9  9  9  DC DC A . n 
A 1 10 DG 10 10 10 DG DG A . n 
A 1 11 DC 11 11 11 DC DC A . n 
A 1 12 DG 12 12 12 DG DG A . n 
B 1 1  DC 1  13 13 DC DC B . n 
B 1 2  DG 2  14 14 DG DG B . n 
B 1 3  DC 3  15 15 DC DC B . n 
B 1 4  DG 4  16 16 DG DG B . n 
B 1 5  DA 5  17 17 DA DA B . n 
B 1 6  DA 6  18 18 DA DA B . n 
B 1 7  DT 7  19 19 DT DT B . n 
B 1 8  DT 8  20 20 DT DT B . n 
B 1 9  DC 9  21 21 DC DC B . n 
B 1 10 DG 10 22 22 DG DG B . n 
B 1 11 DC 11 23 23 DC DC B . n 
B 1 12 DG 12 24 24 DG DG B . n 
# 
loop_
_pdbx_nonpoly_scheme.asym_id 
_pdbx_nonpoly_scheme.entity_id 
_pdbx_nonpoly_scheme.mon_id 
_pdbx_nonpoly_scheme.ndb_seq_num 
_pdbx_nonpoly_scheme.pdb_seq_num 
_pdbx_nonpoly_scheme.auth_seq_num 
_pdbx_nonpoly_scheme.pdb_mon_id 
_pdbx_nonpoly_scheme.auth_mon_id 
_pdbx_nonpoly_scheme.pdb_strand_id 
_pdbx_nonpoly_scheme.pdb_ins_code 
C 2 PT  1  101 1   PT  PT  A . 
D 3 MG  1  102 1   MG  MG  A . 
E 4 A6R 1  101 2   A6R A6R B . 
F 5 HOH 1  201 152 HOH HOH A . 
F 5 HOH 2  202 132 HOH HOH A . 
F 5 HOH 3  203 119 HOH HOH A . 
F 5 HOH 4  204 140 HOH HOH A . 
F 5 HOH 5  205 124 HOH HOH A . 
F 5 HOH 6  206 118 HOH HOH A . 
F 5 HOH 7  207 151 HOH HOH A . 
F 5 HOH 8  208 108 HOH HOH A . 
F 5 HOH 9  209 103 HOH HOH A . 
F 5 HOH 10 210 109 HOH HOH A . 
F 5 HOH 11 211 153 HOH HOH A . 
F 5 HOH 12 212 126 HOH HOH A . 
F 5 HOH 13 213 106 HOH HOH A . 
F 5 HOH 14 214 154 HOH HOH A . 
F 5 HOH 15 215 137 HOH HOH A . 
F 5 HOH 16 216 117 HOH HOH A . 
F 5 HOH 17 217 138 HOH HOH A . 
F 5 HOH 18 218 156 HOH HOH A . 
F 5 HOH 19 219 112 HOH HOH A . 
F 5 HOH 20 220 116 HOH HOH A . 
F 5 HOH 21 221 141 HOH HOH A . 
F 5 HOH 22 222 167 HOH HOH A . 
F 5 HOH 23 223 110 HOH HOH A . 
F 5 HOH 24 224 139 HOH HOH A . 
F 5 HOH 25 225 145 HOH HOH A . 
F 5 HOH 26 226 161 HOH HOH A . 
F 5 HOH 27 227 104 HOH HOH A . 
F 5 HOH 28 228 165 HOH HOH A . 
F 5 HOH 29 229 102 HOH HOH A . 
F 5 HOH 30 230 146 HOH HOH A . 
F 5 HOH 31 231 163 HOH HOH A . 
F 5 HOH 32 232 130 HOH HOH A . 
F 5 HOH 33 233 105 HOH HOH A . 
F 5 HOH 34 234 113 HOH HOH A . 
F 5 HOH 35 235 114 HOH HOH A . 
F 5 HOH 36 236 147 HOH HOH A . 
F 5 HOH 37 237 162 HOH HOH A . 
F 5 HOH 38 238 125 HOH HOH A . 
G 5 HOH 1  201 129 HOH HOH B . 
G 5 HOH 2  202 144 HOH HOH B . 
G 5 HOH 3  203 121 HOH HOH B . 
G 5 HOH 4  204 158 HOH HOH B . 
G 5 HOH 5  205 159 HOH HOH B . 
G 5 HOH 6  206 134 HOH HOH B . 
G 5 HOH 7  207 101 HOH HOH B . 
G 5 HOH 8  208 120 HOH HOH B . 
G 5 HOH 9  209 135 HOH HOH B . 
G 5 HOH 10 210 157 HOH HOH B . 
G 5 HOH 11 211 127 HOH HOH B . 
G 5 HOH 12 212 136 HOH HOH B . 
G 5 HOH 13 213 166 HOH HOH B . 
G 5 HOH 14 214 150 HOH HOH B . 
G 5 HOH 15 215 111 HOH HOH B . 
G 5 HOH 16 216 143 HOH HOH B . 
G 5 HOH 17 217 142 HOH HOH B . 
G 5 HOH 18 218 148 HOH HOH B . 
G 5 HOH 19 219 168 HOH HOH B . 
G 5 HOH 20 220 122 HOH HOH B . 
G 5 HOH 21 221 133 HOH HOH B . 
G 5 HOH 22 222 115 HOH HOH B . 
G 5 HOH 23 223 123 HOH HOH B . 
G 5 HOH 24 224 169 HOH HOH B . 
G 5 HOH 25 225 149 HOH HOH B . 
G 5 HOH 26 226 128 HOH HOH B . 
G 5 HOH 27 227 155 HOH HOH B . 
G 5 HOH 28 228 107 HOH HOH B . 
G 5 HOH 29 229 160 HOH HOH B . 
G 5 HOH 30 230 164 HOH HOH B . 
G 5 HOH 31 231 131 HOH HOH B . 
# 
loop_
_software.citation_id 
_software.classification 
_software.compiler_name 
_software.compiler_version 
_software.contact_author 
_software.contact_author_email 
_software.date 
_software.description 
_software.dependencies 
_software.hardware 
_software.language 
_software.location 
_software.mods 
_software.name 
_software.os 
_software.os_version 
_software.type 
_software.version 
_software.pdbx_ordinal 
? refinement        ? ? ? ? ? ? ? ? ? ? ? REFMAC   ? ? ? 5.8.0403 1 
? 'data reduction'  ? ? ? ? ? ? ? ? ? ? ? XDS      ? ? ? .        2 
? 'data scaling'    ? ? ? ? ? ? ? ? ? ? ? XSCALE   ? ? ? .        3 
? phasing           ? ? ? ? ? ? ? ? ? ? ? PHASER   ? ? ? .        4 
? 'data processing' ? ? ? ? ? ? ? ? ? ? ? autoPROC ? ? ? .        5 
# 
_cell.angle_alpha                  90.00 
_cell.angle_alpha_esd              ? 
_cell.angle_beta                   90.00 
_cell.angle_beta_esd               ? 
_cell.angle_gamma                  90.00 
_cell.angle_gamma_esd              ? 
_cell.entry_id                     8C63 
_cell.details                      ? 
_cell.formula_units_Z              ? 
_cell.length_a                     25.510 
_cell.length_a_esd                 ? 
_cell.length_b                     40.730 
_cell.length_b_esd                 ? 
_cell.length_c                     65.850 
_cell.length_c_esd                 ? 
_cell.volume                       ? 
_cell.volume_esd                   ? 
_cell.Z_PDB                        8 
_cell.reciprocal_angle_alpha       ? 
_cell.reciprocal_angle_beta        ? 
_cell.reciprocal_angle_gamma       ? 
_cell.reciprocal_angle_alpha_esd   ? 
_cell.reciprocal_angle_beta_esd    ? 
_cell.reciprocal_angle_gamma_esd   ? 
_cell.reciprocal_length_a          ? 
_cell.reciprocal_length_b          ? 
_cell.reciprocal_length_c          ? 
_cell.reciprocal_length_a_esd      ? 
_cell.reciprocal_length_b_esd      ? 
_cell.reciprocal_length_c_esd      ? 
_cell.pdbx_unique_axis             ? 
_cell.pdbx_esd_method              ? 
# 
_symmetry.entry_id                         8C63 
_symmetry.cell_setting                     ? 
_symmetry.Int_Tables_number                19 
_symmetry.space_group_name_Hall            ? 
_symmetry.space_group_name_H-M             'P 21 21 21' 
_symmetry.pdbx_full_space_group_name_H-M   ? 
# 
_exptl.absorpt_coefficient_mu     ? 
_exptl.absorpt_correction_T_max   ? 
_exptl.absorpt_correction_T_min   ? 
_exptl.absorpt_correction_type    ? 
_exptl.absorpt_process_details    ? 
_exptl.entry_id                   8C63 
_exptl.crystals_number            1 
_exptl.details                    ? 
_exptl.method                     'X-RAY DIFFRACTION' 
_exptl.method_details             ? 
# 
_exptl_crystal.colour                       ? 
_exptl_crystal.density_diffrn               ? 
_exptl_crystal.density_Matthews             2.33 
_exptl_crystal.density_method               ? 
_exptl_crystal.density_percent_sol          47.31 
_exptl_crystal.description                  ? 
_exptl_crystal.F_000                        ? 
_exptl_crystal.id                           1 
_exptl_crystal.preparation                  ? 
_exptl_crystal.size_max                     ? 
_exptl_crystal.size_mid                     ? 
_exptl_crystal.size_min                     ? 
_exptl_crystal.size_rad                     ? 
_exptl_crystal.colour_lustre                ? 
_exptl_crystal.colour_modifier              ? 
_exptl_crystal.colour_primary               ? 
_exptl_crystal.density_meas                 ? 
_exptl_crystal.density_meas_esd             ? 
_exptl_crystal.density_meas_gt              ? 
_exptl_crystal.density_meas_lt              ? 
_exptl_crystal.density_meas_temp            ? 
_exptl_crystal.density_meas_temp_esd        ? 
_exptl_crystal.density_meas_temp_gt         ? 
_exptl_crystal.density_meas_temp_lt         ? 
_exptl_crystal.pdbx_crystal_image_url       ? 
_exptl_crystal.pdbx_crystal_image_format    ? 
_exptl_crystal.pdbx_mosaicity               ? 
_exptl_crystal.pdbx_mosaicity_esd           ? 
_exptl_crystal.pdbx_mosaic_method           ? 
_exptl_crystal.pdbx_mosaic_block_size       ? 
_exptl_crystal.pdbx_mosaic_block_size_esd   ? 
# 
_exptl_crystal_grow.apparatus       ? 
_exptl_crystal_grow.atmosphere      ? 
_exptl_crystal_grow.crystal_id      1 
_exptl_crystal_grow.details         ? 
_exptl_crystal_grow.method          'VAPOR DIFFUSION, HANGING DROP' 
_exptl_crystal_grow.method_ref      ? 
_exptl_crystal_grow.pH              6.5 
_exptl_crystal_grow.pressure        ? 
_exptl_crystal_grow.pressure_esd    ? 
_exptl_crystal_grow.seeding         ? 
_exptl_crystal_grow.seeding_ref     ? 
_exptl_crystal_grow.temp_details    ? 
_exptl_crystal_grow.temp_esd        ? 
_exptl_crystal_grow.time            ? 
_exptl_crystal_grow.pdbx_details    
;MPD 14 % v/v, MgCl2 20 mM, spermine tetrahydrochloride 80 mM, sodium cacodylate 60 mM, pH 6.5. Equilibrated against a reservoir containing MPD 60 % v/v
;
_exptl_crystal_grow.pdbx_pH_range   ? 
_exptl_crystal_grow.temp            293 
# 
_diffrn.ambient_environment              ? 
_diffrn.ambient_temp                     100 
_diffrn.ambient_temp_details             ? 
_diffrn.ambient_temp_esd                 ? 
_diffrn.crystal_id                       1 
_diffrn.crystal_support                  ? 
_diffrn.crystal_treatment                ? 
_diffrn.details                          ? 
_diffrn.id                               1 
_diffrn.ambient_pressure                 ? 
_diffrn.ambient_pressure_esd             ? 
_diffrn.ambient_pressure_gt              ? 
_diffrn.ambient_pressure_lt              ? 
_diffrn.ambient_temp_gt                  ? 
_diffrn.ambient_temp_lt                  ? 
_diffrn.pdbx_serial_crystal_experiment   N 
# 
_diffrn_detector.details                      ? 
_diffrn_detector.detector                     PIXEL 
_diffrn_detector.diffrn_id                    1 
_diffrn_detector.type                         'DECTRIS PILATUS 6M' 
_diffrn_detector.area_resol_mean              ? 
_diffrn_detector.dtime                        ? 
_diffrn_detector.pdbx_frames_total            ? 
_diffrn_detector.pdbx_collection_time_total   ? 
_diffrn_detector.pdbx_collection_date         2022-10-29 
_diffrn_detector.pdbx_frequency               ? 
# 
_diffrn_radiation.collimation                      ? 
_diffrn_radiation.diffrn_id                        1 
_diffrn_radiation.filter_edge                      ? 
_diffrn_radiation.inhomogeneity                    ? 
_diffrn_radiation.monochromator                    M 
_diffrn_radiation.polarisn_norm                    ? 
_diffrn_radiation.polarisn_ratio                   ? 
_diffrn_radiation.probe                            ? 
_diffrn_radiation.type                             ? 
_diffrn_radiation.xray_symbol                      ? 
_diffrn_radiation.wavelength_id                    1 
_diffrn_radiation.pdbx_monochromatic_or_laue_m_l   M 
_diffrn_radiation.pdbx_wavelength_list             ? 
_diffrn_radiation.pdbx_wavelength                  ? 
_diffrn_radiation.pdbx_diffrn_protocol             'SINGLE WAVELENGTH' 
_diffrn_radiation.pdbx_analyzer                    ? 
_diffrn_radiation.pdbx_scattering_type             x-ray 
# 
_diffrn_radiation_wavelength.id           1 
_diffrn_radiation_wavelength.wavelength   1.0000 
_diffrn_radiation_wavelength.wt           1.0 
# 
_diffrn_source.current                     ? 
_diffrn_source.details                     ? 
_diffrn_source.diffrn_id                   1 
_diffrn_source.power                       ? 
_diffrn_source.size                        ? 
_diffrn_source.source                      SYNCHROTRON 
_diffrn_source.target                      ? 
_diffrn_source.type                        'ELETTRA BEAMLINE 11.2C' 
_diffrn_source.voltage                     ? 
_diffrn_source.take-off_angle              ? 
_diffrn_source.pdbx_wavelength_list        1.0000 
_diffrn_source.pdbx_wavelength             ? 
_diffrn_source.pdbx_synchrotron_beamline   11.2C 
_diffrn_source.pdbx_synchrotron_site       ELETTRA 
# 
_reflns.B_iso_Wilson_estimate                          ? 
_reflns.entry_id                                       8C63 
_reflns.data_reduction_details                         ? 
_reflns.data_reduction_method                          ? 
_reflns.d_resolution_high                              1.52 
_reflns.d_resolution_low                               34.64 
_reflns.details                                        ? 
_reflns.limit_h_max                                    ? 
_reflns.limit_h_min                                    ? 
_reflns.limit_k_max                                    ? 
_reflns.limit_k_min                                    ? 
_reflns.limit_l_max                                    ? 
_reflns.limit_l_min                                    ? 
_reflns.number_all                                     ? 
_reflns.number_obs                                     11057 
_reflns.observed_criterion                             ? 
_reflns.observed_criterion_F_max                       ? 
_reflns.observed_criterion_F_min                       ? 
_reflns.observed_criterion_I_max                       ? 
_reflns.observed_criterion_I_min                       ? 
_reflns.observed_criterion_sigma_F                     ? 
_reflns.observed_criterion_sigma_I                     ? 
_reflns.percent_possible_obs                           99.7 
_reflns.R_free_details                                 ? 
_reflns.Rmerge_F_all                                   ? 
_reflns.Rmerge_F_obs                                   ? 
_reflns.Friedel_coverage                               ? 
_reflns.number_gt                                      ? 
_reflns.threshold_expression                           ? 
_reflns.pdbx_redundancy                                11.4 
_reflns.pdbx_netI_over_av_sigmaI                       ? 
_reflns.pdbx_netI_over_sigmaI                          22.4 
_reflns.pdbx_res_netI_over_av_sigmaI_2                 ? 
_reflns.pdbx_res_netI_over_sigmaI_2                    ? 
_reflns.pdbx_chi_squared                               ? 
_reflns.pdbx_scaling_rejects                           ? 
_reflns.pdbx_d_res_high_opt                            ? 
_reflns.pdbx_d_res_low_opt                             ? 
_reflns.pdbx_d_res_opt_method                          ? 
_reflns.phase_calculation_details                      ? 
_reflns.pdbx_Rrim_I_all                                ? 
_reflns.pdbx_Rpim_I_all                                ? 
_reflns.pdbx_d_opt                                     ? 
_reflns.pdbx_number_measured_all                       ? 
_reflns.pdbx_diffrn_id                                 1 
_reflns.pdbx_ordinal                                   1 
_reflns.pdbx_CC_half                                   1.0 
_reflns.pdbx_CC_star                                   ? 
_reflns.pdbx_R_split                                   ? 
_reflns.pdbx_Rmerge_I_obs                              ? 
_reflns.pdbx_Rmerge_I_all                              ? 
_reflns.pdbx_Rsym_value                                ? 
_reflns.pdbx_CC_split_method                           ? 
_reflns.pdbx_aniso_diffraction_limit_axis_1_ortho[1]   ? 
_reflns.pdbx_aniso_diffraction_limit_axis_1_ortho[2]   ? 
_reflns.pdbx_aniso_diffraction_limit_axis_1_ortho[3]   ? 
_reflns.pdbx_aniso_diffraction_limit_axis_2_ortho[1]   ? 
_reflns.pdbx_aniso_diffraction_limit_axis_2_ortho[2]   ? 
_reflns.pdbx_aniso_diffraction_limit_axis_2_ortho[3]   ? 
_reflns.pdbx_aniso_diffraction_limit_axis_3_ortho[1]   ? 
_reflns.pdbx_aniso_diffraction_limit_axis_3_ortho[2]   ? 
_reflns.pdbx_aniso_diffraction_limit_axis_3_ortho[3]   ? 
_reflns.pdbx_aniso_diffraction_limit_1                 ? 
_reflns.pdbx_aniso_diffraction_limit_2                 ? 
_reflns.pdbx_aniso_diffraction_limit_3                 ? 
_reflns.pdbx_aniso_B_tensor_eigenvector_1_ortho[1]     ? 
_reflns.pdbx_aniso_B_tensor_eigenvector_1_ortho[2]     ? 
_reflns.pdbx_aniso_B_tensor_eigenvector_1_ortho[3]     ? 
_reflns.pdbx_aniso_B_tensor_eigenvector_2_ortho[1]     ? 
_reflns.pdbx_aniso_B_tensor_eigenvector_2_ortho[2]     ? 
_reflns.pdbx_aniso_B_tensor_eigenvector_2_ortho[3]     ? 
_reflns.pdbx_aniso_B_tensor_eigenvector_3_ortho[1]     ? 
_reflns.pdbx_aniso_B_tensor_eigenvector_3_ortho[2]     ? 
_reflns.pdbx_aniso_B_tensor_eigenvector_3_ortho[3]     ? 
_reflns.pdbx_aniso_B_tensor_eigenvalue_1               ? 
_reflns.pdbx_aniso_B_tensor_eigenvalue_2               ? 
_reflns.pdbx_aniso_B_tensor_eigenvalue_3               ? 
_reflns.pdbx_orthogonalization_convention              ? 
_reflns.pdbx_percent_possible_ellipsoidal              ? 
_reflns.pdbx_percent_possible_spherical                ? 
_reflns.pdbx_percent_possible_ellipsoidal_anomalous    ? 
_reflns.pdbx_percent_possible_spherical_anomalous      ? 
_reflns.pdbx_redundancy_anomalous                      ? 
_reflns.pdbx_CC_half_anomalous                         ? 
_reflns.pdbx_absDiff_over_sigma_anomalous              ? 
_reflns.pdbx_percent_possible_anomalous                ? 
_reflns.pdbx_observed_signal_threshold                 ? 
_reflns.pdbx_signal_type                               ? 
_reflns.pdbx_signal_details                            ? 
_reflns.pdbx_signal_software_id                        ? 
# 
_reflns_shell.d_res_high                                    1.52 
_reflns_shell.d_res_low                                     1.55 
_reflns_shell.meanI_over_sigI_all                           ? 
_reflns_shell.meanI_over_sigI_obs                           2.3 
_reflns_shell.number_measured_all                           ? 
_reflns_shell.number_measured_obs                           ? 
_reflns_shell.number_possible                               ? 
_reflns_shell.number_unique_all                             ? 
_reflns_shell.number_unique_obs                             530 
_reflns_shell.percent_possible_obs                          ? 
_reflns_shell.Rmerge_F_all                                  ? 
_reflns_shell.Rmerge_F_obs                                  ? 
_reflns_shell.meanI_over_sigI_gt                            ? 
_reflns_shell.meanI_over_uI_all                             ? 
_reflns_shell.meanI_over_uI_gt                              ? 
_reflns_shell.number_measured_gt                            ? 
_reflns_shell.number_unique_gt                              ? 
_reflns_shell.percent_possible_gt                           ? 
_reflns_shell.Rmerge_F_gt                                   ? 
_reflns_shell.Rmerge_I_gt                                   ? 
_reflns_shell.pdbx_redundancy                               11.8 
_reflns_shell.pdbx_chi_squared                              ? 
_reflns_shell.pdbx_netI_over_sigmaI_all                     ? 
_reflns_shell.pdbx_netI_over_sigmaI_obs                     ? 
_reflns_shell.pdbx_Rrim_I_all                               ? 
_reflns_shell.pdbx_Rpim_I_all                               ? 
_reflns_shell.pdbx_rejects                                  ? 
_reflns_shell.pdbx_ordinal                                  1 
_reflns_shell.pdbx_diffrn_id                                1 
_reflns_shell.pdbx_CC_half                                  0.8 
_reflns_shell.pdbx_CC_star                                  ? 
_reflns_shell.pdbx_R_split                                  ? 
_reflns_shell.percent_possible_all                          100.0 
_reflns_shell.Rmerge_I_all                                  ? 
_reflns_shell.Rmerge_I_obs                                  ? 
_reflns_shell.pdbx_Rsym_value                               ? 
_reflns_shell.pdbx_percent_possible_ellipsoidal             ? 
_reflns_shell.pdbx_percent_possible_spherical               ? 
_reflns_shell.pdbx_percent_possible_ellipsoidal_anomalous   ? 
_reflns_shell.pdbx_percent_possible_spherical_anomalous     ? 
_reflns_shell.pdbx_redundancy_anomalous                     ? 
_reflns_shell.pdbx_CC_half_anomalous                        ? 
_reflns_shell.pdbx_absDiff_over_sigma_anomalous             ? 
_reflns_shell.pdbx_percent_possible_anomalous               ? 
# 
_refine.aniso_B[1][1]                            1.71 
_refine.aniso_B[1][2]                            -0.00 
_refine.aniso_B[1][3]                            0.00 
_refine.aniso_B[2][2]                            0.55 
_refine.aniso_B[2][3]                            -0.00 
_refine.aniso_B[3][3]                            -2.26 
_refine.B_iso_max                                ? 
_refine.B_iso_mean                               33.592 
_refine.B_iso_min                                ? 
_refine.correlation_coeff_Fo_to_Fc               0.959 
_refine.correlation_coeff_Fo_to_Fc_free          0.933 
_refine.details                                  ? 
_refine.diff_density_max                         ? 
_refine.diff_density_max_esd                     ? 
_refine.diff_density_min                         ? 
_refine.diff_density_min_esd                     ? 
_refine.diff_density_rms                         ? 
_refine.diff_density_rms_esd                     ? 
_refine.entry_id                                 8C63 
_refine.pdbx_refine_id                           'X-RAY DIFFRACTION' 
_refine.ls_abs_structure_details                 ? 
_refine.ls_abs_structure_Flack                   ? 
_refine.ls_abs_structure_Flack_esd               ? 
_refine.ls_abs_structure_Rogers                  ? 
_refine.ls_abs_structure_Rogers_esd              ? 
_refine.ls_d_res_high                            1.52 
_refine.ls_d_res_low                             34.64 
_refine.ls_extinction_coef                       ? 
_refine.ls_extinction_coef_esd                   ? 
_refine.ls_extinction_expression                 ? 
_refine.ls_extinction_method                     ? 
_refine.ls_goodness_of_fit_all                   ? 
_refine.ls_goodness_of_fit_all_esd               ? 
_refine.ls_goodness_of_fit_obs                   ? 
_refine.ls_goodness_of_fit_obs_esd               ? 
_refine.ls_hydrogen_treatment                    ? 
_refine.ls_matrix_type                           ? 
_refine.ls_number_constraints                    ? 
_refine.ls_number_parameters                     ? 
_refine.ls_number_reflns_all                     ? 
_refine.ls_number_reflns_obs                     10514 
_refine.ls_number_reflns_R_free                  544 
_refine.ls_number_reflns_R_work                  ? 
_refine.ls_number_restraints                     ? 
_refine.ls_percent_reflns_obs                    99.68 
_refine.ls_percent_reflns_R_free                 4.9 
_refine.ls_R_factor_all                          ? 
_refine.ls_R_factor_obs                          0.23885 
_refine.ls_R_factor_R_free                       0.26118 
_refine.ls_R_factor_R_free_error                 ? 
_refine.ls_R_factor_R_free_error_details         ? 
_refine.ls_R_factor_R_work                       0.23768 
_refine.ls_R_Fsqd_factor_obs                     ? 
_refine.ls_R_I_factor_obs                        ? 
_refine.ls_redundancy_reflns_all                 ? 
_refine.ls_redundancy_reflns_obs                 ? 
_refine.ls_restrained_S_all                      ? 
_refine.ls_restrained_S_obs                      ? 
_refine.ls_shift_over_esd_max                    ? 
_refine.ls_shift_over_esd_mean                   ? 
_refine.ls_structure_factor_coef                 ? 
_refine.ls_weighting_details                     ? 
_refine.ls_weighting_scheme                      ? 
_refine.ls_wR_factor_all                         ? 
_refine.ls_wR_factor_obs                         ? 
_refine.ls_wR_factor_R_free                      ? 
_refine.ls_wR_factor_R_work                      ? 
_refine.occupancy_max                            ? 
_refine.occupancy_min                            ? 
_refine.solvent_model_details                    MASK 
_refine.solvent_model_param_bsol                 ? 
_refine.solvent_model_param_ksol                 ? 
_refine.pdbx_R_complete                          ? 
_refine.ls_R_factor_gt                           ? 
_refine.ls_goodness_of_fit_gt                    ? 
_refine.ls_goodness_of_fit_ref                   ? 
_refine.ls_shift_over_su_max                     ? 
_refine.ls_shift_over_su_max_lt                  ? 
_refine.ls_shift_over_su_mean                    ? 
_refine.ls_shift_over_su_mean_lt                 ? 
_refine.pdbx_ls_sigma_I                          ? 
_refine.pdbx_ls_sigma_F                          ? 
_refine.pdbx_ls_sigma_Fsqd                       ? 
_refine.pdbx_data_cutoff_high_absF               ? 
_refine.pdbx_data_cutoff_high_rms_absF           ? 
_refine.pdbx_data_cutoff_low_absF                ? 
_refine.pdbx_isotropic_thermal_model             ? 
_refine.pdbx_ls_cross_valid_method               THROUGHOUT 
_refine.pdbx_method_to_determine_struct          'MOLECULAR REPLACEMENT' 
_refine.pdbx_starting_model                      ? 
_refine.pdbx_stereochemistry_target_values       'MAXIMUM LIKELIHOOD' 
_refine.pdbx_R_Free_selection_details            RANDOM 
_refine.pdbx_stereochem_target_val_spec_case     ? 
_refine.pdbx_overall_ESU_R                       0.097 
_refine.pdbx_overall_ESU_R_Free                  0.094 
_refine.pdbx_solvent_vdw_probe_radii             1.20 
_refine.pdbx_solvent_ion_probe_radii             0.80 
_refine.pdbx_solvent_shrinkage_radii             0.80 
_refine.pdbx_real_space_R                        ? 
_refine.pdbx_density_correlation                 ? 
_refine.pdbx_pd_number_of_powder_patterns        ? 
_refine.pdbx_pd_number_of_points                 ? 
_refine.pdbx_pd_meas_number_of_points            ? 
_refine.pdbx_pd_proc_ls_prof_R_factor            ? 
_refine.pdbx_pd_proc_ls_prof_wR_factor           ? 
_refine.pdbx_pd_Marquardt_correlation_coeff      ? 
_refine.pdbx_pd_Fsqrd_R_factor                   ? 
_refine.pdbx_pd_ls_matrix_band_width             ? 
_refine.pdbx_overall_phase_error                 ? 
_refine.pdbx_overall_SU_R_free_Cruickshank_DPI   ? 
_refine.pdbx_overall_SU_R_free_Blow_DPI          ? 
_refine.pdbx_overall_SU_R_Blow_DPI               ? 
_refine.pdbx_TLS_residual_ADP_flag               ? 
_refine.pdbx_diffrn_id                           1 
_refine.overall_SU_B                             1.802 
_refine.overall_SU_ML                            0.064 
_refine.overall_SU_R_Cruickshank_DPI             ? 
_refine.overall_SU_R_free                        ? 
_refine.overall_FOM_free_R_set                   ? 
_refine.overall_FOM_work_R_set                   ? 
_refine.pdbx_average_fsc_overall                 ? 
_refine.pdbx_average_fsc_work                    ? 
_refine.pdbx_average_fsc_free                    ? 
# 
_refine_hist.pdbx_refine_id                   'X-RAY DIFFRACTION' 
_refine_hist.cycle_id                         1 
_refine_hist.details                          ? 
_refine_hist.d_res_high                       1.52 
_refine_hist.d_res_low                        34.64 
_refine_hist.number_atoms_solvent             69 
_refine_hist.number_atoms_total               569 
_refine_hist.number_reflns_all                ? 
_refine_hist.number_reflns_obs                ? 
_refine_hist.number_reflns_R_free             ? 
_refine_hist.number_reflns_R_work             ? 
_refine_hist.R_factor_all                     ? 
_refine_hist.R_factor_obs                     ? 
_refine_hist.R_factor_R_free                  ? 
_refine_hist.R_factor_R_work                  ? 
_refine_hist.pdbx_number_residues_total       ? 
_refine_hist.pdbx_B_iso_mean_ligand           ? 
_refine_hist.pdbx_B_iso_mean_solvent          ? 
_refine_hist.pdbx_number_atoms_protein        0 
_refine_hist.pdbx_number_atoms_nucleic_acid   486 
_refine_hist.pdbx_number_atoms_ligand         14 
_refine_hist.pdbx_number_atoms_lipid          ? 
_refine_hist.pdbx_number_atoms_carb           ? 
_refine_hist.pdbx_pseudo_atom_details         ? 
# 
loop_
_refine_ls_restr.pdbx_refine_id 
_refine_ls_restr.criterion 
_refine_ls_restr.dev_ideal 
_refine_ls_restr.dev_ideal_target 
_refine_ls_restr.number 
_refine_ls_restr.rejects 
_refine_ls_restr.type 
_refine_ls_restr.weight 
_refine_ls_restr.pdbx_restraint_function 
'X-RAY DIFFRACTION' ? 0.004 0.011 557 ? r_bond_refined_d             ? ? 
'X-RAY DIFFRACTION' ? ?     ?     ?   ? r_bond_other_d               ? ? 
'X-RAY DIFFRACTION' ? 2.132 1.825 861 ? r_angle_refined_deg          ? ? 
'X-RAY DIFFRACTION' ? ?     ?     ?   ? r_angle_other_deg            ? ? 
'X-RAY DIFFRACTION' ? ?     ?     ?   ? r_dihedral_angle_1_deg       ? ? 
'X-RAY DIFFRACTION' ? ?     ?     ?   ? r_dihedral_angle_2_deg       ? ? 
'X-RAY DIFFRACTION' ? ?     ?     ?   ? r_dihedral_angle_3_deg       ? ? 
'X-RAY DIFFRACTION' ? ?     ?     ?   ? r_dihedral_angle_4_deg       ? ? 
'X-RAY DIFFRACTION' ? 0.072 0.200 94  ? r_chiral_restr               ? ? 
'X-RAY DIFFRACTION' ? 0.017 0.021 264 ? r_gen_planes_refined         ? ? 
'X-RAY DIFFRACTION' ? ?     ?     ?   ? r_gen_planes_other           ? ? 
'X-RAY DIFFRACTION' ? ?     ?     ?   ? r_nbd_refined                ? ? 
'X-RAY DIFFRACTION' ? ?     ?     ?   ? r_nbd_other                  ? ? 
'X-RAY DIFFRACTION' ? ?     ?     ?   ? r_nbtor_refined              ? ? 
'X-RAY DIFFRACTION' ? ?     ?     ?   ? r_nbtor_other                ? ? 
'X-RAY DIFFRACTION' ? ?     ?     ?   ? r_xyhbond_nbd_refined        ? ? 
'X-RAY DIFFRACTION' ? ?     ?     ?   ? r_xyhbond_nbd_other          ? ? 
'X-RAY DIFFRACTION' ? ?     ?     ?   ? r_metal_ion_refined          ? ? 
'X-RAY DIFFRACTION' ? ?     ?     ?   ? r_metal_ion_other            ? ? 
'X-RAY DIFFRACTION' ? ?     ?     ?   ? r_symmetry_vdw_refined       ? ? 
'X-RAY DIFFRACTION' ? ?     ?     ?   ? r_symmetry_vdw_other         ? ? 
'X-RAY DIFFRACTION' ? ?     ?     ?   ? r_symmetry_hbond_refined     ? ? 
'X-RAY DIFFRACTION' ? ?     ?     ?   ? r_symmetry_hbond_other       ? ? 
'X-RAY DIFFRACTION' ? ?     ?     ?   ? r_symmetry_metal_ion_refined ? ? 
'X-RAY DIFFRACTION' ? ?     ?     ?   ? r_symmetry_metal_ion_other   ? ? 
'X-RAY DIFFRACTION' ? ?     ?     ?   ? r_mcbond_it                  ? ? 
'X-RAY DIFFRACTION' ? ?     ?     ?   ? r_mcbond_other               ? ? 
'X-RAY DIFFRACTION' ? ?     ?     ?   ? r_mcangle_it                 ? ? 
'X-RAY DIFFRACTION' ? ?     ?     ?   ? r_mcangle_other              ? ? 
'X-RAY DIFFRACTION' ? 2.531 3.258 557 ? r_scbond_it                  ? ? 
'X-RAY DIFFRACTION' ? ?     ?     ?   ? r_scbond_other               ? ? 
'X-RAY DIFFRACTION' ? ?     ?     ?   ? r_scangle_it                 ? ? 
'X-RAY DIFFRACTION' ? ?     ?     ?   ? r_scangle_other              ? ? 
'X-RAY DIFFRACTION' ? 5.712 44.38 990 ? r_long_range_B_refined       ? ? 
'X-RAY DIFFRACTION' ? ?     ?     ?   ? r_long_range_B_other         ? ? 
'X-RAY DIFFRACTION' ? ?     ?     ?   ? r_rigid_bond_restr           ? ? 
'X-RAY DIFFRACTION' ? ?     ?     ?   ? r_sphericity_free            ? ? 
'X-RAY DIFFRACTION' ? ?     ?     ?   ? r_sphericity_bonded          ? ? 
# 
_refine_ls_shell.pdbx_refine_id                   'X-RAY DIFFRACTION' 
_refine_ls_shell.d_res_high                       1.520 
_refine_ls_shell.d_res_low                        1.559 
_refine_ls_shell.number_reflns_all                ? 
_refine_ls_shell.number_reflns_obs                ? 
_refine_ls_shell.number_reflns_R_free             36 
_refine_ls_shell.number_reflns_R_work             750 
_refine_ls_shell.percent_reflns_obs               99.75 
_refine_ls_shell.percent_reflns_R_free            ? 
_refine_ls_shell.R_factor_all                     ? 
_refine_ls_shell.R_factor_obs                     ? 
_refine_ls_shell.R_factor_R_free_error            ? 
_refine_ls_shell.R_factor_R_work                  0.325 
_refine_ls_shell.redundancy_reflns_all            ? 
_refine_ls_shell.redundancy_reflns_obs            ? 
_refine_ls_shell.wR_factor_all                    ? 
_refine_ls_shell.wR_factor_obs                    ? 
_refine_ls_shell.wR_factor_R_free                 ? 
_refine_ls_shell.wR_factor_R_work                 ? 
_refine_ls_shell.pdbx_R_complete                  ? 
_refine_ls_shell.pdbx_total_number_of_bins_used   20 
_refine_ls_shell.pdbx_phase_error                 ? 
_refine_ls_shell.pdbx_fsc_work                    ? 
_refine_ls_shell.pdbx_fsc_free                    ? 
_refine_ls_shell.R_factor_R_free                  0.441 
# 
_struct.entry_id                     8C63 
_struct.title                        'Crystal structure of arsenoplatin-1/B-DNA adduct obtained upon 4 h of soaking' 
_struct.pdbx_model_details           ? 
_struct.pdbx_formula_weight          ? 
_struct.pdbx_formula_weight_method   ? 
_struct.pdbx_model_type_details      ? 
_struct.pdbx_CASP_flag               N 
# 
_struct_keywords.entry_id        8C63 
_struct_keywords.text            'Duplex, B-DNA, Arsenoplatin-1, Anticancer agent, Metallodrug, DNA' 
_struct_keywords.pdbx_keywords   DNA 
# 
loop_
_struct_asym.id 
_struct_asym.pdbx_blank_PDB_chainid_flag 
_struct_asym.pdbx_modified 
_struct_asym.entity_id 
_struct_asym.details 
A N N 1 ? 
B N N 1 ? 
C N N 2 ? 
D N N 3 ? 
E N N 4 ? 
F N N 5 ? 
G N N 5 ? 
# 
_struct_ref.id                         1 
_struct_ref.db_name                    PDB 
_struct_ref.db_code                    8C63 
_struct_ref.pdbx_db_accession          8C63 
_struct_ref.pdbx_db_isoform            ? 
_struct_ref.entity_id                  1 
_struct_ref.pdbx_seq_one_letter_code   ? 
_struct_ref.pdbx_align_begin           1 
# 
loop_
_struct_ref_seq.align_id 
_struct_ref_seq.ref_id 
_struct_ref_seq.pdbx_PDB_id_code 
_struct_ref_seq.pdbx_strand_id 
_struct_ref_seq.seq_align_beg 
_struct_ref_seq.pdbx_seq_align_beg_ins_code 
_struct_ref_seq.seq_align_end 
_struct_ref_seq.pdbx_seq_align_end_ins_code 
_struct_ref_seq.pdbx_db_accession 
_struct_ref_seq.db_align_beg 
_struct_ref_seq.pdbx_db_align_beg_ins_code 
_struct_ref_seq.db_align_end 
_struct_ref_seq.pdbx_db_align_end_ins_code 
_struct_ref_seq.pdbx_auth_seq_align_beg 
_struct_ref_seq.pdbx_auth_seq_align_end 
1 1 8C63 A 1 ? 12 ? 8C63 1  ? 12 ? 1  12 
2 1 8C63 B 1 ? 12 ? 8C63 13 ? 24 ? 13 24 
# 
_pdbx_struct_assembly.id                   1 
_pdbx_struct_assembly.details              author_and_software_defined_assembly 
_pdbx_struct_assembly.method_details       PISA 
_pdbx_struct_assembly.oligomeric_details   dimeric 
_pdbx_struct_assembly.oligomeric_count     2 
# 
loop_
_pdbx_struct_assembly_prop.biol_id 
_pdbx_struct_assembly_prop.type 
_pdbx_struct_assembly_prop.value 
_pdbx_struct_assembly_prop.details 
1 'ABSA (A^2)' 1410 ? 
1 MORE         -30  ? 
1 'SSA (A^2)'  4620 ? 
# 
_pdbx_struct_assembly_gen.assembly_id       1 
_pdbx_struct_assembly_gen.oper_expression   1 
_pdbx_struct_assembly_gen.asym_id_list      A,B,C,D,E,F,G 
# 
_pdbx_struct_assembly_auth_evidence.id                     1 
_pdbx_struct_assembly_auth_evidence.assembly_id            1 
_pdbx_struct_assembly_auth_evidence.experimental_support   none 
_pdbx_struct_assembly_auth_evidence.details                ? 
# 
_pdbx_struct_oper_list.id                   1 
_pdbx_struct_oper_list.type                 'identity operation' 
_pdbx_struct_oper_list.name                 1_555 
_pdbx_struct_oper_list.symmetry_operation   x,y,z 
_pdbx_struct_oper_list.matrix[1][1]         1.0000000000 
_pdbx_struct_oper_list.matrix[1][2]         0.0000000000 
_pdbx_struct_oper_list.matrix[1][3]         0.0000000000 
_pdbx_struct_oper_list.vector[1]            0.0000000000 
_pdbx_struct_oper_list.matrix[2][1]         0.0000000000 
_pdbx_struct_oper_list.matrix[2][2]         1.0000000000 
_pdbx_struct_oper_list.matrix[2][3]         0.0000000000 
_pdbx_struct_oper_list.vector[2]            0.0000000000 
_pdbx_struct_oper_list.matrix[3][1]         0.0000000000 
_pdbx_struct_oper_list.matrix[3][2]         0.0000000000 
_pdbx_struct_oper_list.matrix[3][3]         1.0000000000 
_pdbx_struct_oper_list.vector[3]            0.0000000000 
# 
loop_
_struct_conn.id 
_struct_conn.conn_type_id 
_struct_conn.pdbx_leaving_atom_flag 
_struct_conn.pdbx_PDB_id 
_struct_conn.ptnr1_label_asym_id 
_struct_conn.ptnr1_label_comp_id 
_struct_conn.ptnr1_label_seq_id 
_struct_conn.ptnr1_label_atom_id 
_struct_conn.pdbx_ptnr1_label_alt_id 
_struct_conn.pdbx_ptnr1_PDB_ins_code 
_struct_conn.pdbx_ptnr1_standard_comp_id 
_struct_conn.ptnr1_symmetry 
_struct_conn.ptnr2_label_asym_id 
_struct_conn.ptnr2_label_comp_id 
_struct_conn.ptnr2_label_seq_id 
_struct_conn.ptnr2_label_atom_id 
_struct_conn.pdbx_ptnr2_label_alt_id 
_struct_conn.pdbx_ptnr2_PDB_ins_code 
_struct_conn.ptnr1_auth_asym_id 
_struct_conn.ptnr1_auth_comp_id 
_struct_conn.ptnr1_auth_seq_id 
_struct_conn.ptnr2_auth_asym_id 
_struct_conn.ptnr2_auth_comp_id 
_struct_conn.ptnr2_auth_seq_id 
_struct_conn.ptnr2_symmetry 
_struct_conn.pdbx_ptnr3_label_atom_id 
_struct_conn.pdbx_ptnr3_label_seq_id 
_struct_conn.pdbx_ptnr3_label_comp_id 
_struct_conn.pdbx_ptnr3_label_asym_id 
_struct_conn.pdbx_ptnr3_label_alt_id 
_struct_conn.pdbx_ptnr3_PDB_ins_code 
_struct_conn.details 
_struct_conn.pdbx_dist_value 
_struct_conn.pdbx_value_order 
_struct_conn.pdbx_role 
metalc1  metalc ? ? A DG 10 N7 ? ? ? 1_555 C PT  .  PT  A ? A DG 10  A PT  101 1_555 ? ? ? ? ? ? ?            2.201 ? ? 
metalc2  metalc ? ? D MG .  MG ? ? ? 1_555 F HOH .  O   ? ? A MG 102 A HOH 204 1_555 ? ? ? ? ? ? ?            2.028 ? ? 
metalc3  metalc ? ? D MG .  MG ? ? ? 1_555 F HOH .  O   ? ? A MG 102 A HOH 215 1_555 ? ? ? ? ? ? ?            2.200 ? ? 
metalc4  metalc ? ? D MG .  MG ? ? ? 1_555 F HOH .  O   ? ? A MG 102 A HOH 217 1_555 ? ? ? ? ? ? ?            1.919 ? ? 
metalc5  metalc ? ? D MG .  MG ? ? ? 1_555 F HOH .  O   ? ? A MG 102 A HOH 221 1_555 ? ? ? ? ? ? ?            2.186 ? ? 
metalc6  metalc ? ? D MG .  MG ? ? ? 1_555 F HOH .  O   ? ? A MG 102 A HOH 224 1_555 ? ? ? ? ? ? ?            2.066 ? ? 
metalc7  metalc ? ? D MG .  MG ? ? ? 1_555 G HOH .  O   ? ? A MG 102 B HOH 217 1_555 ? ? ? ? ? ? ?            2.164 ? ? 
metalc8  metalc ? ? B DG 2  N7 ? ? ? 1_555 E A6R .  PT1 ? ? B DG 14  B A6R 101 1_555 ? ? ? ? ? ? ?            1.984 ? ? 
hydrog1  hydrog ? ? A DC 1  N3 ? ? ? 1_555 B DG  12 N1  ? ? A DC 1   B DG  24  1_555 ? ? ? ? ? ? WATSON-CRICK ?     ? ? 
hydrog2  hydrog ? ? A DC 1  N4 ? ? ? 1_555 B DG  12 O6  ? ? A DC 1   B DG  24  1_555 ? ? ? ? ? ? WATSON-CRICK ?     ? ? 
hydrog3  hydrog ? ? A DC 1  O2 ? ? ? 1_555 B DG  12 N2  ? ? A DC 1   B DG  24  1_555 ? ? ? ? ? ? WATSON-CRICK ?     ? ? 
hydrog4  hydrog ? ? A DG 2  N1 ? ? ? 1_555 B DC  11 N3  ? ? A DG 2   B DC  23  1_555 ? ? ? ? ? ? WATSON-CRICK ?     ? ? 
hydrog5  hydrog ? ? A DG 2  N2 ? ? ? 1_555 B DC  11 O2  ? ? A DG 2   B DC  23  1_555 ? ? ? ? ? ? WATSON-CRICK ?     ? ? 
hydrog6  hydrog ? ? A DG 2  O6 ? ? ? 1_555 B DC  11 N4  ? ? A DG 2   B DC  23  1_555 ? ? ? ? ? ? WATSON-CRICK ?     ? ? 
hydrog7  hydrog ? ? A DC 3  N3 ? ? ? 1_555 B DG  10 N1  ? ? A DC 3   B DG  22  1_555 ? ? ? ? ? ? WATSON-CRICK ?     ? ? 
hydrog8  hydrog ? ? A DC 3  N4 ? ? ? 1_555 B DG  10 O6  ? ? A DC 3   B DG  22  1_555 ? ? ? ? ? ? WATSON-CRICK ?     ? ? 
hydrog9  hydrog ? ? A DC 3  O2 ? ? ? 1_555 B DG  10 N2  ? ? A DC 3   B DG  22  1_555 ? ? ? ? ? ? WATSON-CRICK ?     ? ? 
hydrog10 hydrog ? ? A DG 4  N1 ? ? ? 1_555 B DC  9  N3  ? ? A DG 4   B DC  21  1_555 ? ? ? ? ? ? WATSON-CRICK ?     ? ? 
hydrog11 hydrog ? ? A DG 4  N2 ? ? ? 1_555 B DC  9  O2  ? ? A DG 4   B DC  21  1_555 ? ? ? ? ? ? WATSON-CRICK ?     ? ? 
hydrog12 hydrog ? ? A DG 4  O6 ? ? ? 1_555 B DC  9  N4  ? ? A DG 4   B DC  21  1_555 ? ? ? ? ? ? WATSON-CRICK ?     ? ? 
hydrog13 hydrog ? ? A DA 5  N1 ? ? ? 1_555 B DT  8  N3  ? ? A DA 5   B DT  20  1_555 ? ? ? ? ? ? WATSON-CRICK ?     ? ? 
hydrog14 hydrog ? ? A DA 5  N6 ? ? ? 1_555 B DT  8  O4  ? ? A DA 5   B DT  20  1_555 ? ? ? ? ? ? WATSON-CRICK ?     ? ? 
hydrog15 hydrog ? ? A DA 6  N1 ? ? ? 1_555 B DT  7  N3  ? ? A DA 6   B DT  19  1_555 ? ? ? ? ? ? WATSON-CRICK ?     ? ? 
hydrog16 hydrog ? ? A DA 6  N6 ? ? ? 1_555 B DT  7  O4  ? ? A DA 6   B DT  19  1_555 ? ? ? ? ? ? WATSON-CRICK ?     ? ? 
hydrog17 hydrog ? ? A DT 7  N3 ? ? ? 1_555 B DA  6  N1  ? ? A DT 7   B DA  18  1_555 ? ? ? ? ? ? WATSON-CRICK ?     ? ? 
hydrog18 hydrog ? ? A DT 7  O4 ? ? ? 1_555 B DA  6  N6  ? ? A DT 7   B DA  18  1_555 ? ? ? ? ? ? WATSON-CRICK ?     ? ? 
hydrog19 hydrog ? ? A DT 8  N3 ? ? ? 1_555 B DA  5  N1  ? ? A DT 8   B DA  17  1_555 ? ? ? ? ? ? WATSON-CRICK ?     ? ? 
hydrog20 hydrog ? ? A DT 8  O4 ? ? ? 1_555 B DA  5  N6  ? ? A DT 8   B DA  17  1_555 ? ? ? ? ? ? WATSON-CRICK ?     ? ? 
hydrog21 hydrog ? ? A DC 9  N3 ? ? ? 1_555 B DG  4  N1  ? ? A DC 9   B DG  16  1_555 ? ? ? ? ? ? WATSON-CRICK ?     ? ? 
hydrog22 hydrog ? ? A DC 9  N4 ? ? ? 1_555 B DG  4  O6  ? ? A DC 9   B DG  16  1_555 ? ? ? ? ? ? WATSON-CRICK ?     ? ? 
hydrog23 hydrog ? ? A DC 9  O2 ? ? ? 1_555 B DG  4  N2  ? ? A DC 9   B DG  16  1_555 ? ? ? ? ? ? WATSON-CRICK ?     ? ? 
hydrog24 hydrog ? ? A DG 10 N1 ? ? ? 1_555 B DC  3  N3  ? ? A DG 10  B DC  15  1_555 ? ? ? ? ? ? WATSON-CRICK ?     ? ? 
hydrog25 hydrog ? ? A DG 10 N2 ? ? ? 1_555 B DC  3  O2  ? ? A DG 10  B DC  15  1_555 ? ? ? ? ? ? WATSON-CRICK ?     ? ? 
hydrog26 hydrog ? ? A DG 10 O6 ? ? ? 1_555 B DC  3  N4  ? ? A DG 10  B DC  15  1_555 ? ? ? ? ? ? WATSON-CRICK ?     ? ? 
hydrog27 hydrog ? ? A DC 11 N3 ? ? ? 1_555 B DG  2  N1  ? ? A DC 11  B DG  14  1_555 ? ? ? ? ? ? WATSON-CRICK ?     ? ? 
hydrog28 hydrog ? ? A DC 11 N4 ? ? ? 1_555 B DG  2  O6  ? ? A DC 11  B DG  14  1_555 ? ? ? ? ? ? WATSON-CRICK ?     ? ? 
hydrog29 hydrog ? ? A DC 11 O2 ? ? ? 1_555 B DG  2  N2  ? ? A DC 11  B DG  14  1_555 ? ? ? ? ? ? WATSON-CRICK ?     ? ? 
hydrog30 hydrog ? ? A DG 12 N1 ? ? ? 1_555 B DC  1  N3  ? ? A DG 12  B DC  13  1_555 ? ? ? ? ? ? WATSON-CRICK ?     ? ? 
hydrog31 hydrog ? ? A DG 12 N2 ? ? ? 1_555 B DC  1  O2  ? ? A DG 12  B DC  13  1_555 ? ? ? ? ? ? WATSON-CRICK ?     ? ? 
hydrog32 hydrog ? ? A DG 12 O6 ? ? ? 1_555 B DC  1  N4  ? ? A DG 12  B DC  13  1_555 ? ? ? ? ? ? WATSON-CRICK ?     ? ? 
# 
loop_
_struct_conn_type.id 
_struct_conn_type.criteria 
_struct_conn_type.reference 
metalc ? ? 
hydrog ? ? 
# 
loop_
_pdbx_struct_conn_angle.id 
_pdbx_struct_conn_angle.ptnr1_label_atom_id 
_pdbx_struct_conn_angle.ptnr1_label_alt_id 
_pdbx_struct_conn_angle.ptnr1_label_asym_id 
_pdbx_struct_conn_angle.ptnr1_label_comp_id 
_pdbx_struct_conn_angle.ptnr1_label_seq_id 
_pdbx_struct_conn_angle.ptnr1_auth_atom_id 
_pdbx_struct_conn_angle.ptnr1_auth_asym_id 
_pdbx_struct_conn_angle.ptnr1_auth_comp_id 
_pdbx_struct_conn_angle.ptnr1_auth_seq_id 
_pdbx_struct_conn_angle.ptnr1_PDB_ins_code 
_pdbx_struct_conn_angle.ptnr1_symmetry 
_pdbx_struct_conn_angle.ptnr2_label_atom_id 
_pdbx_struct_conn_angle.ptnr2_label_alt_id 
_pdbx_struct_conn_angle.ptnr2_label_asym_id 
_pdbx_struct_conn_angle.ptnr2_label_comp_id 
_pdbx_struct_conn_angle.ptnr2_label_seq_id 
_pdbx_struct_conn_angle.ptnr2_auth_atom_id 
_pdbx_struct_conn_angle.ptnr2_auth_asym_id 
_pdbx_struct_conn_angle.ptnr2_auth_comp_id 
_pdbx_struct_conn_angle.ptnr2_auth_seq_id 
_pdbx_struct_conn_angle.ptnr2_PDB_ins_code 
_pdbx_struct_conn_angle.ptnr2_symmetry 
_pdbx_struct_conn_angle.ptnr3_label_atom_id 
_pdbx_struct_conn_angle.ptnr3_label_alt_id 
_pdbx_struct_conn_angle.ptnr3_label_asym_id 
_pdbx_struct_conn_angle.ptnr3_label_comp_id 
_pdbx_struct_conn_angle.ptnr3_label_seq_id 
_pdbx_struct_conn_angle.ptnr3_auth_atom_id 
_pdbx_struct_conn_angle.ptnr3_auth_asym_id 
_pdbx_struct_conn_angle.ptnr3_auth_comp_id 
_pdbx_struct_conn_angle.ptnr3_auth_seq_id 
_pdbx_struct_conn_angle.ptnr3_PDB_ins_code 
_pdbx_struct_conn_angle.ptnr3_symmetry 
_pdbx_struct_conn_angle.value 
_pdbx_struct_conn_angle.value_esd 
1  O   ? F HOH . ? A HOH 204 ? 1_555 MG  ? D MG  . ? A MG  102 ? 1_555 O   ? F HOH . ? A HOH 215 ? 1_555 91.3  ? 
2  O   ? F HOH . ? A HOH 204 ? 1_555 MG  ? D MG  . ? A MG  102 ? 1_555 O   ? F HOH . ? A HOH 217 ? 1_555 90.9  ? 
3  O   ? F HOH . ? A HOH 215 ? 1_555 MG  ? D MG  . ? A MG  102 ? 1_555 O   ? F HOH . ? A HOH 217 ? 1_555 93.3  ? 
4  O   ? F HOH . ? A HOH 204 ? 1_555 MG  ? D MG  . ? A MG  102 ? 1_555 O   ? F HOH . ? A HOH 221 ? 1_555 89.8  ? 
5  O   ? F HOH . ? A HOH 215 ? 1_555 MG  ? D MG  . ? A MG  102 ? 1_555 O   ? F HOH . ? A HOH 221 ? 1_555 85.3  ? 
6  O   ? F HOH . ? A HOH 217 ? 1_555 MG  ? D MG  . ? A MG  102 ? 1_555 O   ? F HOH . ? A HOH 221 ? 1_555 178.4 ? 
7  O   ? F HOH . ? A HOH 204 ? 1_555 MG  ? D MG  . ? A MG  102 ? 1_555 O   ? F HOH . ? A HOH 224 ? 1_555 89.1  ? 
8  O   ? F HOH . ? A HOH 215 ? 1_555 MG  ? D MG  . ? A MG  102 ? 1_555 O   ? F HOH . ? A HOH 224 ? 1_555 178.4 ? 
9  O   ? F HOH . ? A HOH 217 ? 1_555 MG  ? D MG  . ? A MG  102 ? 1_555 O   ? F HOH . ? A HOH 224 ? 1_555 85.2  ? 
10 O   ? F HOH . ? A HOH 221 ? 1_555 MG  ? D MG  . ? A MG  102 ? 1_555 O   ? F HOH . ? A HOH 224 ? 1_555 96.3  ? 
11 O   ? F HOH . ? A HOH 204 ? 1_555 MG  ? D MG  . ? A MG  102 ? 1_555 O   ? G HOH . ? B HOH 217 ? 1_555 171.1 ? 
12 O   ? F HOH . ? A HOH 215 ? 1_555 MG  ? D MG  . ? A MG  102 ? 1_555 O   ? G HOH . ? B HOH 217 ? 1_555 97.6  ? 
13 O   ? F HOH . ? A HOH 217 ? 1_555 MG  ? D MG  . ? A MG  102 ? 1_555 O   ? G HOH . ? B HOH 217 ? 1_555 88.6  ? 
14 O   ? F HOH . ? A HOH 221 ? 1_555 MG  ? D MG  . ? A MG  102 ? 1_555 O   ? G HOH . ? B HOH 217 ? 1_555 90.9  ? 
15 O   ? F HOH . ? A HOH 224 ? 1_555 MG  ? D MG  . ? A MG  102 ? 1_555 O   ? G HOH . ? B HOH 217 ? 1_555 82.0  ? 
16 N7  ? B DG  2 ? B DG  14  ? 1_555 PT1 ? E A6R . ? B A6R 101 ? 1_555 AS1 ? E A6R . ? B A6R 101 ? 1_555 176.2 ? 
17 N7  ? B DG  2 ? B DG  14  ? 1_555 PT1 ? E A6R . ? B A6R 101 ? 1_555 N1  ? E A6R . ? B A6R 101 ? 1_555 91.9  ? 
18 AS1 ? E A6R . ? B A6R 101 ? 1_555 PT1 ? E A6R . ? B A6R 101 ? 1_555 N1  ? E A6R . ? B A6R 101 ? 1_555 90.7  ? 
19 N7  ? B DG  2 ? B DG  14  ? 1_555 PT1 ? E A6R . ? B A6R 101 ? 1_555 N2  ? E A6R . ? B A6R 101 ? 1_555 90.3  ? 
20 AS1 ? E A6R . ? B A6R 101 ? 1_555 PT1 ? E A6R . ? B A6R 101 ? 1_555 N2  ? E A6R . ? B A6R 101 ? 1_555 86.9  ? 
21 N1  ? E A6R . ? B A6R 101 ? 1_555 PT1 ? E A6R . ? B A6R 101 ? 1_555 N2  ? E A6R . ? B A6R 101 ? 1_555 176.0 ? 
# 
loop_
_pdbx_validate_rmsd_angle.id 
_pdbx_validate_rmsd_angle.PDB_model_num 
_pdbx_validate_rmsd_angle.auth_atom_id_1 
_pdbx_validate_rmsd_angle.auth_asym_id_1 
_pdbx_validate_rmsd_angle.auth_comp_id_1 
_pdbx_validate_rmsd_angle.auth_seq_id_1 
_pdbx_validate_rmsd_angle.PDB_ins_code_1 
_pdbx_validate_rmsd_angle.label_alt_id_1 
_pdbx_validate_rmsd_angle.auth_atom_id_2 
_pdbx_validate_rmsd_angle.auth_asym_id_2 
_pdbx_validate_rmsd_angle.auth_comp_id_2 
_pdbx_validate_rmsd_angle.auth_seq_id_2 
_pdbx_validate_rmsd_angle.PDB_ins_code_2 
_pdbx_validate_rmsd_angle.label_alt_id_2 
_pdbx_validate_rmsd_angle.auth_atom_id_3 
_pdbx_validate_rmsd_angle.auth_asym_id_3 
_pdbx_validate_rmsd_angle.auth_comp_id_3 
_pdbx_validate_rmsd_angle.auth_seq_id_3 
_pdbx_validate_rmsd_angle.PDB_ins_code_3 
_pdbx_validate_rmsd_angle.label_alt_id_3 
_pdbx_validate_rmsd_angle.angle_value 
_pdbx_validate_rmsd_angle.angle_target_value 
_pdbx_validate_rmsd_angle.angle_deviation 
_pdbx_validate_rmsd_angle.angle_standard_deviation 
_pdbx_validate_rmsd_angle.linker_flag 
1 1 "O4'" A DG 10 ? ? "C1'" A DG 10 ? ? N9 A DG 10 ? ? 110.10 108.30 1.80 0.30 N 
2 1 "O4'" B DG 16 ? ? "C1'" B DG 16 ? ? N9 B DG 16 ? ? 110.68 108.30 2.38 0.30 N 
3 1 "O4'" B DG 22 ? ? "C1'" B DG 22 ? ? N9 B DG 22 ? ? 110.72 108.30 2.42 0.30 N 
# 
_pdbx_entry_details.entry_id                 8C63 
_pdbx_entry_details.has_ligand_of_interest   Y 
_pdbx_entry_details.compound_details         ? 
_pdbx_entry_details.source_details           ? 
_pdbx_entry_details.nonpolymer_details       ? 
_pdbx_entry_details.sequence_details         ? 
# 
_pdbx_distant_solvent_atoms.id                                1 
_pdbx_distant_solvent_atoms.PDB_model_num                     1 
_pdbx_distant_solvent_atoms.auth_atom_id                      O 
_pdbx_distant_solvent_atoms.label_alt_id                      ? 
_pdbx_distant_solvent_atoms.auth_asym_id                      A 
_pdbx_distant_solvent_atoms.auth_comp_id                      HOH 
_pdbx_distant_solvent_atoms.auth_seq_id                       221 
_pdbx_distant_solvent_atoms.PDB_ins_code                      ? 
_pdbx_distant_solvent_atoms.neighbor_macromolecule_distance   5.82 
_pdbx_distant_solvent_atoms.neighbor_ligand_distance          . 
# 
loop_
_chem_comp_atom.comp_id 
_chem_comp_atom.atom_id 
_chem_comp_atom.type_symbol 
_chem_comp_atom.pdbx_aromatic_flag 
_chem_comp_atom.pdbx_stereo_config 
_chem_comp_atom.pdbx_ordinal 
A6R C2     C  N N 1   
A6R C3     C  N N 2   
A6R C4     C  N N 3   
A6R PT1    PT N N 4   
A6R AS1    AS N N 5   
A6R O1     O  N N 6   
A6R O2     O  N N 7   
A6R O3     O  N N 8   
A6R O4     O  N N 9   
A6R N1     N  N N 10  
A6R N2     N  N N 11  
A6R C1     C  N N 12  
A6R H1     H  N N 13  
A6R H2     H  N N 14  
A6R H3     H  N N 15  
A6R H4     H  N N 16  
A6R H5     H  N N 17  
A6R H6     H  N N 18  
A6R H7     H  N N 19  
A6R H8     H  N N 20  
DA  OP3    O  N N 21  
DA  P      P  N N 22  
DA  OP1    O  N N 23  
DA  OP2    O  N N 24  
DA  "O5'"  O  N N 25  
DA  "C5'"  C  N N 26  
DA  "C4'"  C  N R 27  
DA  "O4'"  O  N N 28  
DA  "C3'"  C  N S 29  
DA  "O3'"  O  N N 30  
DA  "C2'"  C  N N 31  
DA  "C1'"  C  N R 32  
DA  N9     N  Y N 33  
DA  C8     C  Y N 34  
DA  N7     N  Y N 35  
DA  C5     C  Y N 36  
DA  C6     C  Y N 37  
DA  N6     N  N N 38  
DA  N1     N  Y N 39  
DA  C2     C  Y N 40  
DA  N3     N  Y N 41  
DA  C4     C  Y N 42  
DA  HOP3   H  N N 43  
DA  HOP2   H  N N 44  
DA  "H5'"  H  N N 45  
DA  "H5''" H  N N 46  
DA  "H4'"  H  N N 47  
DA  "H3'"  H  N N 48  
DA  "HO3'" H  N N 49  
DA  "H2'"  H  N N 50  
DA  "H2''" H  N N 51  
DA  "H1'"  H  N N 52  
DA  H8     H  N N 53  
DA  H61    H  N N 54  
DA  H62    H  N N 55  
DA  H2     H  N N 56  
DC  OP3    O  N N 57  
DC  P      P  N N 58  
DC  OP1    O  N N 59  
DC  OP2    O  N N 60  
DC  "O5'"  O  N N 61  
DC  "C5'"  C  N N 62  
DC  "C4'"  C  N R 63  
DC  "O4'"  O  N N 64  
DC  "C3'"  C  N S 65  
DC  "O3'"  O  N N 66  
DC  "C2'"  C  N N 67  
DC  "C1'"  C  N R 68  
DC  N1     N  N N 69  
DC  C2     C  N N 70  
DC  O2     O  N N 71  
DC  N3     N  N N 72  
DC  C4     C  N N 73  
DC  N4     N  N N 74  
DC  C5     C  N N 75  
DC  C6     C  N N 76  
DC  HOP3   H  N N 77  
DC  HOP2   H  N N 78  
DC  "H5'"  H  N N 79  
DC  "H5''" H  N N 80  
DC  "H4'"  H  N N 81  
DC  "H3'"  H  N N 82  
DC  "HO3'" H  N N 83  
DC  "H2'"  H  N N 84  
DC  "H2''" H  N N 85  
DC  "H1'"  H  N N 86  
DC  H41    H  N N 87  
DC  H42    H  N N 88  
DC  H5     H  N N 89  
DC  H6     H  N N 90  
DG  OP3    O  N N 91  
DG  P      P  N N 92  
DG  OP1    O  N N 93  
DG  OP2    O  N N 94  
DG  "O5'"  O  N N 95  
DG  "C5'"  C  N N 96  
DG  "C4'"  C  N R 97  
DG  "O4'"  O  N N 98  
DG  "C3'"  C  N S 99  
DG  "O3'"  O  N N 100 
DG  "C2'"  C  N N 101 
DG  "C1'"  C  N R 102 
DG  N9     N  Y N 103 
DG  C8     C  Y N 104 
DG  N7     N  Y N 105 
DG  C5     C  Y N 106 
DG  C6     C  N N 107 
DG  O6     O  N N 108 
DG  N1     N  N N 109 
DG  C2     C  N N 110 
DG  N2     N  N N 111 
DG  N3     N  N N 112 
DG  C4     C  Y N 113 
DG  HOP3   H  N N 114 
DG  HOP2   H  N N 115 
DG  "H5'"  H  N N 116 
DG  "H5''" H  N N 117 
DG  "H4'"  H  N N 118 
DG  "H3'"  H  N N 119 
DG  "HO3'" H  N N 120 
DG  "H2'"  H  N N 121 
DG  "H2''" H  N N 122 
DG  "H1'"  H  N N 123 
DG  H8     H  N N 124 
DG  H1     H  N N 125 
DG  H21    H  N N 126 
DG  H22    H  N N 127 
DT  OP3    O  N N 128 
DT  P      P  N N 129 
DT  OP1    O  N N 130 
DT  OP2    O  N N 131 
DT  "O5'"  O  N N 132 
DT  "C5'"  C  N N 133 
DT  "C4'"  C  N R 134 
DT  "O4'"  O  N N 135 
DT  "C3'"  C  N S 136 
DT  "O3'"  O  N N 137 
DT  "C2'"  C  N N 138 
DT  "C1'"  C  N R 139 
DT  N1     N  N N 140 
DT  C2     C  N N 141 
DT  O2     O  N N 142 
DT  N3     N  N N 143 
DT  C4     C  N N 144 
DT  O4     O  N N 145 
DT  C5     C  N N 146 
DT  C7     C  N N 147 
DT  C6     C  N N 148 
DT  HOP3   H  N N 149 
DT  HOP2   H  N N 150 
DT  "H5'"  H  N N 151 
DT  "H5''" H  N N 152 
DT  "H4'"  H  N N 153 
DT  "H3'"  H  N N 154 
DT  "HO3'" H  N N 155 
DT  "H2'"  H  N N 156 
DT  "H2''" H  N N 157 
DT  "H1'"  H  N N 158 
DT  H3     H  N N 159 
DT  H71    H  N N 160 
DT  H72    H  N N 161 
DT  H73    H  N N 162 
DT  H6     H  N N 163 
HOH O      O  N N 164 
HOH H1     H  N N 165 
HOH H2     H  N N 166 
MG  MG     MG N N 167 
PT  PT     PT N N 168 
# 
loop_
_chem_comp_bond.comp_id 
_chem_comp_bond.atom_id_1 
_chem_comp_bond.atom_id_2 
_chem_comp_bond.value_order 
_chem_comp_bond.pdbx_aromatic_flag 
_chem_comp_bond.pdbx_stereo_config 
_chem_comp_bond.pdbx_ordinal 
A6R C2    C1     sing N N 1   
A6R C3    C4     sing N N 2   
A6R C3    O2     sing N N 3   
A6R C3    N2     doub N N 4   
A6R PT1   AS1    sing N N 5   
A6R PT1   N1     sing N N 6   
A6R PT1   N2     sing N N 7   
A6R AS1   O1     sing N N 8   
A6R AS1   O2     sing N N 9   
A6R AS1   O3     sing N N 10  
A6R AS1   O4     sing N N 11  
A6R O1    C1     sing N N 12  
A6R N1    C1     doub N N 13  
A6R C2    H1     sing N N 14  
A6R C2    H2     sing N N 15  
A6R C2    H3     sing N N 16  
A6R C4    H4     sing N N 17  
A6R C4    H5     sing N N 18  
A6R C4    H6     sing N N 19  
A6R O3    H7     sing N N 20  
A6R O4    H8     sing N N 21  
DA  OP3   P      sing N N 22  
DA  OP3   HOP3   sing N N 23  
DA  P     OP1    doub N N 24  
DA  P     OP2    sing N N 25  
DA  P     "O5'"  sing N N 26  
DA  OP2   HOP2   sing N N 27  
DA  "O5'" "C5'"  sing N N 28  
DA  "C5'" "C4'"  sing N N 29  
DA  "C5'" "H5'"  sing N N 30  
DA  "C5'" "H5''" sing N N 31  
DA  "C4'" "O4'"  sing N N 32  
DA  "C4'" "C3'"  sing N N 33  
DA  "C4'" "H4'"  sing N N 34  
DA  "O4'" "C1'"  sing N N 35  
DA  "C3'" "O3'"  sing N N 36  
DA  "C3'" "C2'"  sing N N 37  
DA  "C3'" "H3'"  sing N N 38  
DA  "O3'" "HO3'" sing N N 39  
DA  "C2'" "C1'"  sing N N 40  
DA  "C2'" "H2'"  sing N N 41  
DA  "C2'" "H2''" sing N N 42  
DA  "C1'" N9     sing N N 43  
DA  "C1'" "H1'"  sing N N 44  
DA  N9    C8     sing Y N 45  
DA  N9    C4     sing Y N 46  
DA  C8    N7     doub Y N 47  
DA  C8    H8     sing N N 48  
DA  N7    C5     sing Y N 49  
DA  C5    C6     sing Y N 50  
DA  C5    C4     doub Y N 51  
DA  C6    N6     sing N N 52  
DA  C6    N1     doub Y N 53  
DA  N6    H61    sing N N 54  
DA  N6    H62    sing N N 55  
DA  N1    C2     sing Y N 56  
DA  C2    N3     doub Y N 57  
DA  C2    H2     sing N N 58  
DA  N3    C4     sing Y N 59  
DC  OP3   P      sing N N 60  
DC  OP3   HOP3   sing N N 61  
DC  P     OP1    doub N N 62  
DC  P     OP2    sing N N 63  
DC  P     "O5'"  sing N N 64  
DC  OP2   HOP2   sing N N 65  
DC  "O5'" "C5'"  sing N N 66  
DC  "C5'" "C4'"  sing N N 67  
DC  "C5'" "H5'"  sing N N 68  
DC  "C5'" "H5''" sing N N 69  
DC  "C4'" "O4'"  sing N N 70  
DC  "C4'" "C3'"  sing N N 71  
DC  "C4'" "H4'"  sing N N 72  
DC  "O4'" "C1'"  sing N N 73  
DC  "C3'" "O3'"  sing N N 74  
DC  "C3'" "C2'"  sing N N 75  
DC  "C3'" "H3'"  sing N N 76  
DC  "O3'" "HO3'" sing N N 77  
DC  "C2'" "C1'"  sing N N 78  
DC  "C2'" "H2'"  sing N N 79  
DC  "C2'" "H2''" sing N N 80  
DC  "C1'" N1     sing N N 81  
DC  "C1'" "H1'"  sing N N 82  
DC  N1    C2     sing N N 83  
DC  N1    C6     sing N N 84  
DC  C2    O2     doub N N 85  
DC  C2    N3     sing N N 86  
DC  N3    C4     doub N N 87  
DC  C4    N4     sing N N 88  
DC  C4    C5     sing N N 89  
DC  N4    H41    sing N N 90  
DC  N4    H42    sing N N 91  
DC  C5    C6     doub N N 92  
DC  C5    H5     sing N N 93  
DC  C6    H6     sing N N 94  
DG  OP3   P      sing N N 95  
DG  OP3   HOP3   sing N N 96  
DG  P     OP1    doub N N 97  
DG  P     OP2    sing N N 98  
DG  P     "O5'"  sing N N 99  
DG  OP2   HOP2   sing N N 100 
DG  "O5'" "C5'"  sing N N 101 
DG  "C5'" "C4'"  sing N N 102 
DG  "C5'" "H5'"  sing N N 103 
DG  "C5'" "H5''" sing N N 104 
DG  "C4'" "O4'"  sing N N 105 
DG  "C4'" "C3'"  sing N N 106 
DG  "C4'" "H4'"  sing N N 107 
DG  "O4'" "C1'"  sing N N 108 
DG  "C3'" "O3'"  sing N N 109 
DG  "C3'" "C2'"  sing N N 110 
DG  "C3'" "H3'"  sing N N 111 
DG  "O3'" "HO3'" sing N N 112 
DG  "C2'" "C1'"  sing N N 113 
DG  "C2'" "H2'"  sing N N 114 
DG  "C2'" "H2''" sing N N 115 
DG  "C1'" N9     sing N N 116 
DG  "C1'" "H1'"  sing N N 117 
DG  N9    C8     sing Y N 118 
DG  N9    C4     sing Y N 119 
DG  C8    N7     doub Y N 120 
DG  C8    H8     sing N N 121 
DG  N7    C5     sing Y N 122 
DG  C5    C6     sing N N 123 
DG  C5    C4     doub Y N 124 
DG  C6    O6     doub N N 125 
DG  C6    N1     sing N N 126 
DG  N1    C2     sing N N 127 
DG  N1    H1     sing N N 128 
DG  C2    N2     sing N N 129 
DG  C2    N3     doub N N 130 
DG  N2    H21    sing N N 131 
DG  N2    H22    sing N N 132 
DG  N3    C4     sing N N 133 
DT  OP3   P      sing N N 134 
DT  OP3   HOP3   sing N N 135 
DT  P     OP1    doub N N 136 
DT  P     OP2    sing N N 137 
DT  P     "O5'"  sing N N 138 
DT  OP2   HOP2   sing N N 139 
DT  "O5'" "C5'"  sing N N 140 
DT  "C5'" "C4'"  sing N N 141 
DT  "C5'" "H5'"  sing N N 142 
DT  "C5'" "H5''" sing N N 143 
DT  "C4'" "O4'"  sing N N 144 
DT  "C4'" "C3'"  sing N N 145 
DT  "C4'" "H4'"  sing N N 146 
DT  "O4'" "C1'"  sing N N 147 
DT  "C3'" "O3'"  sing N N 148 
DT  "C3'" "C2'"  sing N N 149 
DT  "C3'" "H3'"  sing N N 150 
DT  "O3'" "HO3'" sing N N 151 
DT  "C2'" "C1'"  sing N N 152 
DT  "C2'" "H2'"  sing N N 153 
DT  "C2'" "H2''" sing N N 154 
DT  "C1'" N1     sing N N 155 
DT  "C1'" "H1'"  sing N N 156 
DT  N1    C2     sing N N 157 
DT  N1    C6     sing N N 158 
DT  C2    O2     doub N N 159 
DT  C2    N3     sing N N 160 
DT  N3    C4     sing N N 161 
DT  N3    H3     sing N N 162 
DT  C4    O4     doub N N 163 
DT  C4    C5     sing N N 164 
DT  C5    C7     sing N N 165 
DT  C5    C6     doub N N 166 
DT  C7    H71    sing N N 167 
DT  C7    H72    sing N N 168 
DT  C7    H73    sing N N 169 
DT  C6    H6     sing N N 170 
HOH O     H1     sing N N 171 
HOH O     H2     sing N N 172 
# 
_ndb_struct_conf_na.entry_id   8C63 
_ndb_struct_conf_na.feature    'b-form double helix' 
# 
loop_
_ndb_struct_na_base_pair.model_number 
_ndb_struct_na_base_pair.i_label_asym_id 
_ndb_struct_na_base_pair.i_label_comp_id 
_ndb_struct_na_base_pair.i_label_seq_id 
_ndb_struct_na_base_pair.i_symmetry 
_ndb_struct_na_base_pair.j_label_asym_id 
_ndb_struct_na_base_pair.j_label_comp_id 
_ndb_struct_na_base_pair.j_label_seq_id 
_ndb_struct_na_base_pair.j_symmetry 
_ndb_struct_na_base_pair.shear 
_ndb_struct_na_base_pair.stretch 
_ndb_struct_na_base_pair.stagger 
_ndb_struct_na_base_pair.buckle 
_ndb_struct_na_base_pair.propeller 
_ndb_struct_na_base_pair.opening 
_ndb_struct_na_base_pair.pair_number 
_ndb_struct_na_base_pair.pair_name 
_ndb_struct_na_base_pair.i_auth_asym_id 
_ndb_struct_na_base_pair.i_auth_seq_id 
_ndb_struct_na_base_pair.i_PDB_ins_code 
_ndb_struct_na_base_pair.j_auth_asym_id 
_ndb_struct_na_base_pair.j_auth_seq_id 
_ndb_struct_na_base_pair.j_PDB_ins_code 
_ndb_struct_na_base_pair.hbond_type_28 
_ndb_struct_na_base_pair.hbond_type_12 
1 A DC 1  1_555 B DG 12 1_555 0.155  -0.130 0.198 2.040   -10.257 -1.822 1  A_DC1:DG24_B  A 1  ? B 24 ? 19 1 
1 A DG 2  1_555 B DC 11 1_555 -0.363 -0.324 0.392 6.071   -12.425 -3.303 2  A_DG2:DC23_B  A 2  ? B 23 ? 19 1 
1 A DC 3  1_555 B DG 10 1_555 0.129  -0.145 0.249 -2.957  -6.561  -1.102 3  A_DC3:DG22_B  A 3  ? B 22 ? 19 1 
1 A DG 4  1_555 B DC 9  1_555 -0.301 -0.080 0.069 12.707  -8.738  1.417  4  A_DG4:DC21_B  A 4  ? B 21 ? 19 1 
1 A DA 5  1_555 B DT 8  1_555 0.166  -0.075 0.131 7.929   -15.396 3.980  5  A_DA5:DT20_B  A 5  ? B 20 ? 20 1 
1 A DA 6  1_555 B DT 7  1_555 -0.035 -0.050 0.114 1.782   -16.576 5.776  6  A_DA6:DT19_B  A 6  ? B 19 ? 20 1 
1 A DT 7  1_555 B DA 6  1_555 0.031  -0.092 0.079 -0.323  -17.039 4.511  7  A_DT7:DA18_B  A 7  ? B 18 ? 20 1 
1 A DT 8  1_555 B DA 5  1_555 -0.025 -0.097 0.010 -1.937  -14.531 3.806  8  A_DT8:DA17_B  A 8  ? B 17 ? 20 1 
1 A DC 9  1_555 B DG 4  1_555 0.236  -0.120 0.104 -13.050 -8.518  -2.104 9  A_DC9:DG16_B  A 9  ? B 16 ? 19 1 
1 A DG 10 1_555 B DC 3  1_555 -0.146 -0.134 0.301 6.937   -6.747  0.907  10 A_DG10:DC15_B A 10 ? B 15 ? 19 1 
1 A DC 11 1_555 B DG 2  1_555 0.086  -0.184 0.266 2.032   -16.657 -2.394 11 A_DC11:DG14_B A 11 ? B 14 ? 19 1 
1 A DG 12 1_555 B DC 1  1_555 -0.172 -0.159 0.162 4.761   -4.977  -3.197 12 A_DG12:DC13_B A 12 ? B 13 ? 19 1 
# 
loop_
_ndb_struct_na_base_pair_step.model_number 
_ndb_struct_na_base_pair_step.i_label_asym_id_1 
_ndb_struct_na_base_pair_step.i_label_comp_id_1 
_ndb_struct_na_base_pair_step.i_label_seq_id_1 
_ndb_struct_na_base_pair_step.i_symmetry_1 
_ndb_struct_na_base_pair_step.j_label_asym_id_1 
_ndb_struct_na_base_pair_step.j_label_comp_id_1 
_ndb_struct_na_base_pair_step.j_label_seq_id_1 
_ndb_struct_na_base_pair_step.j_symmetry_1 
_ndb_struct_na_base_pair_step.i_label_asym_id_2 
_ndb_struct_na_base_pair_step.i_label_comp_id_2 
_ndb_struct_na_base_pair_step.i_label_seq_id_2 
_ndb_struct_na_base_pair_step.i_symmetry_2 
_ndb_struct_na_base_pair_step.j_label_asym_id_2 
_ndb_struct_na_base_pair_step.j_label_comp_id_2 
_ndb_struct_na_base_pair_step.j_label_seq_id_2 
_ndb_struct_na_base_pair_step.j_symmetry_2 
_ndb_struct_na_base_pair_step.shift 
_ndb_struct_na_base_pair_step.slide 
_ndb_struct_na_base_pair_step.rise 
_ndb_struct_na_base_pair_step.tilt 
_ndb_struct_na_base_pair_step.roll 
_ndb_struct_na_base_pair_step.twist 
_ndb_struct_na_base_pair_step.x_displacement 
_ndb_struct_na_base_pair_step.y_displacement 
_ndb_struct_na_base_pair_step.helical_rise 
_ndb_struct_na_base_pair_step.inclination 
_ndb_struct_na_base_pair_step.tip 
_ndb_struct_na_base_pair_step.helical_twist 
_ndb_struct_na_base_pair_step.step_number 
_ndb_struct_na_base_pair_step.step_name 
_ndb_struct_na_base_pair_step.i_auth_asym_id_1 
_ndb_struct_na_base_pair_step.i_auth_seq_id_1 
_ndb_struct_na_base_pair_step.i_PDB_ins_code_1 
_ndb_struct_na_base_pair_step.j_auth_asym_id_1 
_ndb_struct_na_base_pair_step.j_auth_seq_id_1 
_ndb_struct_na_base_pair_step.j_PDB_ins_code_1 
_ndb_struct_na_base_pair_step.i_auth_asym_id_2 
_ndb_struct_na_base_pair_step.i_auth_seq_id_2 
_ndb_struct_na_base_pair_step.i_PDB_ins_code_2 
_ndb_struct_na_base_pair_step.j_auth_asym_id_2 
_ndb_struct_na_base_pair_step.j_auth_seq_id_2 
_ndb_struct_na_base_pair_step.j_PDB_ins_code_2 
1 A DC 1  1_555 B DG 12 1_555 A DG 2  1_555 B DC 11 1_555 -0.265 -0.021 3.205 -2.550 2.730  33.961 -0.460 0.055  3.204 4.657   
4.349  34.160 1  AA_DC1DG2:DC23DG24_BB   A 1  ? B 24 ? A 2  ? B 23 ? 
1 A DG 2  1_555 B DC 11 1_555 A DC 3  1_555 B DG 10 1_555 0.524  0.346  3.584 1.469  -4.854 41.625 1.036  -0.566 3.539 -6.800  
-2.058 41.920 2  AA_DG2DC3:DG22DC23_BB   A 2  ? B 23 ? A 3  ? B 22 ? 
1 A DC 3  1_555 B DG 10 1_555 A DG 4  1_555 B DC 9  1_555 -0.335 0.543  3.043 1.406  8.505  25.972 -0.869 1.042  3.042 18.293  
-3.023 27.342 3  AA_DC3DG4:DC21DG22_BB   A 3  ? B 22 ? A 4  ? B 21 ? 
1 A DG 4  1_555 B DC 9  1_555 A DA 5  1_555 B DT 8  1_555 -0.091 -0.131 3.378 -1.012 0.959  38.158 -0.325 0.008  3.375 1.466   
1.548  38.182 4  AA_DG4DA5:DT20DC21_BB   A 4  ? B 21 ? A 5  ? B 20 ? 
1 A DA 5  1_555 B DT 8  1_555 A DA 6  1_555 B DT 7  1_555 0.006  -0.341 3.349 -0.502 0.070  36.171 -0.560 -0.081 3.348 0.113   
0.808  36.175 5  AA_DA5DA6:DT19DT20_BB   A 5  ? B 20 ? A 6  ? B 19 ? 
1 A DA 6  1_555 B DT 7  1_555 A DT 7  1_555 B DA 6  1_555 -0.011 -0.561 3.264 0.361  -1.307 32.213 -0.777 0.084  3.283 -2.355  
-0.649 32.241 6  AA_DA6DT7:DA18DT19_BB   A 6  ? B 19 ? A 7  ? B 18 ? 
1 A DT 7  1_555 B DA 6  1_555 A DT 8  1_555 B DA 5  1_555 -0.056 -0.339 3.242 0.745  -1.342 35.308 -0.362 0.202  3.250 -2.211  
-1.228 35.340 7  AA_DT7DT8:DA17DA18_BB   A 7  ? B 18 ? A 8  ? B 17 ? 
1 A DT 8  1_555 B DA 5  1_555 A DC 9  1_555 B DG 4  1_555 -0.170 -0.271 3.502 0.286  -2.025 42.370 -0.154 0.266  3.509 -2.799  
-0.396 42.417 8  AA_DT8DC9:DG16DA17_BB   A 8  ? B 17 ? A 9  ? B 16 ? 
1 A DC 9  1_555 B DG 4  1_555 A DG 10 1_555 B DC 3  1_555 0.642  0.627  2.938 -2.372 3.534  26.210 0.526  -1.962 2.927 7.728   
5.187  26.548 9  AA_DC9DG10:DC15DG16_BB  A 9  ? B 16 ? A 10 ? B 15 ? 
1 A DG 10 1_555 B DC 3  1_555 A DC 11 1_555 B DG 2  1_555 -1.289 0.449  3.488 -2.624 -9.092 41.507 1.600  1.494  3.392 -12.632 
3.646  42.526 10 AA_DG10DC11:DG14DC15_BB A 10 ? B 15 ? A 11 ? B 14 ? 
1 A DC 11 1_555 B DG 2  1_555 A DG 12 1_555 B DC 1  1_555 0.344  0.458  3.315 1.465  2.712  34.570 0.344  -0.347 3.351 4.553   
-2.459 34.703 11 AA_DC11DG12:DC13DG14_BB A 11 ? B 14 ? A 12 ? B 13 ? 
# 
_pdbx_audit_support.funding_organization   'Not funded' 
_pdbx_audit_support.country                ? 
_pdbx_audit_support.grant_number           ? 
_pdbx_audit_support.ordinal                1 
# 
loop_
_pdbx_entity_instance_feature.ordinal 
_pdbx_entity_instance_feature.comp_id 
_pdbx_entity_instance_feature.asym_id 
_pdbx_entity_instance_feature.seq_num 
_pdbx_entity_instance_feature.auth_comp_id 
_pdbx_entity_instance_feature.auth_asym_id 
_pdbx_entity_instance_feature.auth_seq_num 
_pdbx_entity_instance_feature.feature_type 
_pdbx_entity_instance_feature.details 
1 A6R ? ? A6R ? ? 'SUBJECT OF INVESTIGATION' ? 
2 PT  ? ? PT  ? ? 'SUBJECT OF INVESTIGATION' ? 
# 
_pdbx_initial_refinement_model.id               1 
_pdbx_initial_refinement_model.entity_id_list   ? 
_pdbx_initial_refinement_model.type             'experimental model' 
_pdbx_initial_refinement_model.source_name      PDB 
_pdbx_initial_refinement_model.accession_code   3U2N 
_pdbx_initial_refinement_model.details          ? 
# 
_atom_sites.entry_id                    8C63 
_atom_sites.Cartn_transf_matrix[1][1]   ? 
_atom_sites.Cartn_transf_matrix[1][2]   ? 
_atom_sites.Cartn_transf_matrix[1][3]   ? 
_atom_sites.Cartn_transf_matrix[2][1]   ? 
_atom_sites.Cartn_transf_matrix[2][2]   ? 
_atom_sites.Cartn_transf_matrix[2][3]   ? 
_atom_sites.Cartn_transf_matrix[3][1]   ? 
_atom_sites.Cartn_transf_matrix[3][2]   ? 
_atom_sites.Cartn_transf_matrix[3][3]   ? 
_atom_sites.Cartn_transf_vector[1]      ? 
_atom_sites.Cartn_transf_vector[2]      ? 
_atom_sites.Cartn_transf_vector[3]      ? 
_atom_sites.fract_transf_matrix[1][1]   0.00407385 
_atom_sites.fract_transf_matrix[1][2]   -0.01998162 
_atom_sites.fract_transf_matrix[1][3]   0.03347803 
_atom_sites.fract_transf_matrix[2][1]   0.02425765 
_atom_sites.fract_transf_matrix[2][2]   -0.00112089 
_atom_sites.fract_transf_matrix[2][3]   -0.00362086 
_atom_sites.fract_transf_matrix[3][1]   0.00173370 
_atom_sites.fract_transf_matrix[3][2]   0.01304658 
_atom_sites.fract_transf_matrix[3][3]   0.00757598 
_atom_sites.fract_transf_vector[1]      0.581361 
_atom_sites.fract_transf_vector[2]      0.518116 
_atom_sites.fract_transf_vector[3]      0.127512 
_atom_sites.solution_primary            ? 
_atom_sites.solution_secondary          ? 
_atom_sites.solution_hydrogens          ? 
_atom_sites.special_details             ? 
# 
loop_
_atom_type.symbol 
AS 
C  
MG 
N  
O  
P  
PT 
# 
loop_
_atom_site.group_PDB 
_atom_site.id 
_atom_site.type_symbol 
_atom_site.label_atom_id 
_atom_site.label_alt_id 
_atom_site.label_comp_id 
_atom_site.label_asym_id 
_atom_site.label_entity_id 
_atom_site.label_seq_id 
_atom_site.pdbx_PDB_ins_code 
_atom_site.Cartn_x 
_atom_site.Cartn_y 
_atom_site.Cartn_z 
_atom_site.occupancy 
_atom_site.B_iso_or_equiv 
_atom_site.pdbx_formal_charge 
_atom_site.auth_seq_id 
_atom_site.auth_comp_id 
_atom_site.auth_asym_id 
_atom_site.auth_atom_id 
_atom_site.pdbx_PDB_model_num 
ATOM   1   O  "O5'" . DC  A 1 1  ? 16.219  9.416   10.203  1.00 41.10 ? 1   DC  A "O5'" 1 
ATOM   2   C  "C5'" . DC  A 1 1  ? 14.994  10.108  9.837   1.00 38.24 ? 1   DC  A "C5'" 1 
ATOM   3   C  "C4'" . DC  A 1 1  ? 13.910  9.751   10.828  1.00 36.59 ? 1   DC  A "C4'" 1 
ATOM   4   O  "O4'" . DC  A 1 1  ? 12.857  10.741  10.772  1.00 35.64 ? 1   DC  A "O4'" 1 
ATOM   5   C  "C3'" . DC  A 1 1  ? 13.229  8.398   10.618  1.00 40.03 ? 1   DC  A "C3'" 1 
ATOM   6   O  "O3'" . DC  A 1 1  ? 12.915  7.867   11.912  1.00 42.89 ? 1   DC  A "O3'" 1 
ATOM   7   C  "C2'" . DC  A 1 1  ? 11.984  8.782   9.828   1.00 39.51 ? 1   DC  A "C2'" 1 
ATOM   8   C  "C1'" . DC  A 1 1  ? 11.629  10.117  10.463  1.00 34.87 ? 1   DC  A "C1'" 1 
ATOM   9   N  N1    . DC  A 1 1  ? 10.861  11.078  9.640   1.00 31.10 ? 1   DC  A N1    1 
ATOM   10  C  C2    . DC  A 1 1  ? 9.694   11.626  10.187  1.00 30.48 ? 1   DC  A C2    1 
ATOM   11  O  O2    . DC  A 1 1  ? 9.329   11.239  11.308  1.00 32.09 ? 1   DC  A O2    1 
ATOM   12  N  N3    . DC  A 1 1  ? 9.001   12.540  9.476   1.00 30.24 ? 1   DC  A N3    1 
ATOM   13  C  C4    . DC  A 1 1  ? 9.428   12.922  8.266   1.00 33.43 ? 1   DC  A C4    1 
ATOM   14  N  N4    . DC  A 1 1  ? 8.705   13.814  7.605   1.00 33.12 ? 1   DC  A N4    1 
ATOM   15  C  C5    . DC  A 1 1  ? 10.630  12.397  7.706   1.00 34.35 ? 1   DC  A C5    1 
ATOM   16  C  C6    . DC  A 1 1  ? 11.314  11.493  8.425   1.00 34.43 ? 1   DC  A C6    1 
ATOM   17  P  P     . DG  A 1 2  ? 12.720  6.271   11.958  1.00 45.36 ? 2   DG  A P     1 
ATOM   18  O  OP1   . DG  A 1 2  ? 13.428  5.719   13.169  1.00 50.32 ? 2   DG  A OP1   1 
ATOM   19  O  OP2   . DG  A 1 2  ? 12.999  5.675   10.606  1.00 42.75 ? 2   DG  A OP2   1 
ATOM   20  O  "O5'" . DG  A 1 2  ? 11.144  6.190   12.233  1.00 41.89 ? 2   DG  A "O5'" 1 
ATOM   21  C  "C5'" . DG  A 1 2  ? 10.632  6.884   13.388  1.00 41.08 ? 2   DG  A "C5'" 1 
ATOM   22  C  "C4'" . DG  A 1 2  ? 9.141   6.701   13.426  1.00 38.68 ? 2   DG  A "C4'" 1 
ATOM   23  O  "O4'" . DG  A 1 2  ? 8.519   7.724   12.619  1.00 38.75 ? 2   DG  A "O4'" 1 
ATOM   24  C  "C3'" . DG  A 1 2  ? 8.649   5.352   12.913  1.00 38.11 ? 2   DG  A "C3'" 1 
ATOM   25  O  "O3'" . DG  A 1 2  ? 7.605   4.957   13.800  1.00 44.92 ? 2   DG  A "O3'" 1 
ATOM   26  C  "C2'" . DG  A 1 2  ? 8.143   5.692   11.512  1.00 35.64 ? 2   DG  A "C2'" 1 
ATOM   27  C  "C1'" . DG  A 1 2  ? 7.634   7.113   11.690  1.00 36.10 ? 2   DG  A "C1'" 1 
ATOM   28  N  N9    . DG  A 1 2  ? 7.637   7.934   10.478  1.00 32.39 ? 2   DG  A N9    1 
ATOM   29  C  C8    . DG  A 1 2  ? 8.548   7.924   9.448   1.00 32.23 ? 2   DG  A C8    1 
ATOM   30  N  N7    . DG  A 1 2  ? 8.270   8.797   8.507   1.00 29.14 ? 2   DG  A N7    1 
ATOM   31  C  C5    . DG  A 1 2  ? 7.118   9.426   8.953   1.00 26.83 ? 2   DG  A C5    1 
ATOM   32  C  C6    . DG  A 1 2  ? 6.346   10.448  8.350   1.00 27.08 ? 2   DG  A C6    1 
ATOM   33  O  O6    . DG  A 1 2  ? 6.570   11.036  7.280   1.00 28.28 ? 2   DG  A O6    1 
ATOM   34  N  N1    . DG  A 1 2  ? 5.247   10.803  9.123   1.00 25.54 ? 2   DG  A N1    1 
ATOM   35  C  C2    . DG  A 1 2  ? 4.914   10.235  10.332  1.00 26.67 ? 2   DG  A C2    1 
ATOM   36  N  N2    . DG  A 1 2  ? 3.805   10.690  10.927  1.00 25.87 ? 2   DG  A N2    1 
ATOM   37  N  N3    . DG  A 1 2  ? 5.637   9.269   10.903  1.00 28.29 ? 2   DG  A N3    1 
ATOM   38  C  C4    . DG  A 1 2  ? 6.714   8.908   10.166  1.00 28.85 ? 2   DG  A C4    1 
ATOM   39  P  P     . DC  A 1 3  ? 7.110   3.429   13.768  1.00 44.30 ? 3   DC  A P     1 
ATOM   40  O  OP1   . DC  A 1 3  ? 7.350   2.830   15.125  1.00 47.38 ? 3   DC  A OP1   1 
ATOM   41  O  OP2   . DC  A 1 3  ? 7.570   2.686   12.544  1.00 47.77 ? 3   DC  A OP2   1 
ATOM   42  O  "O5'" . DC  A 1 3  ? 5.539   3.694   13.580  1.00 41.32 ? 3   DC  A "O5'" 1 
ATOM   43  C  "C5'" . DC  A 1 3  ? 4.898   4.731   14.360  1.00 33.90 ? 3   DC  A "C5'" 1 
ATOM   44  C  "C4'" . DC  A 1 3  ? 3.712   5.237   13.581  1.00 30.84 ? 3   DC  A "C4'" 1 
ATOM   45  O  "O4'" . DC  A 1 3  ? 4.176   6.038   12.476  1.00 29.79 ? 3   DC  A "O4'" 1 
ATOM   46  C  "C3'" . DC  A 1 3  ? 2.832   4.147   12.971  1.00 32.03 ? 3   DC  A "C3'" 1 
ATOM   47  O  "O3'" . DC  A 1 3  ? 1.666   4.027   13.786  1.00 35.56 ? 3   DC  A "O3'" 1 
ATOM   48  C  "C2'" . DC  A 1 3  ? 2.473   4.675   11.585  1.00 34.00 ? 3   DC  A "C2'" 1 
ATOM   49  C  "C1'" . DC  A 1 3  ? 3.209   6.001   11.443  1.00 30.99 ? 3   DC  A "C1'" 1 
ATOM   50  N  N1    . DC  A 1 3  ? 3.963   6.155   10.180  1.00 28.85 ? 3   DC  A N1    1 
ATOM   51  C  C2    . DC  A 1 3  ? 3.567   7.133   9.255   1.00 24.58 ? 3   DC  A C2    1 
ATOM   52  O  O2    . DC  A 1 3  ? 2.568   7.821   9.501   1.00 24.92 ? 3   DC  A O2    1 
ATOM   53  N  N3    . DC  A 1 3  ? 4.293   7.275   8.122   1.00 26.85 ? 3   DC  A N3    1 
ATOM   54  C  C4    . DC  A 1 3  ? 5.372   6.516   7.892   1.00 29.81 ? 3   DC  A C4    1 
ATOM   55  N  N4    . DC  A 1 3  ? 6.052   6.707   6.769   1.00 29.25 ? 3   DC  A N4    1 
ATOM   56  C  C5    . DC  A 1 3  ? 5.792   5.525   8.821   1.00 31.72 ? 3   DC  A C5    1 
ATOM   57  C  C6    . DC  A 1 3  ? 5.063   5.388   9.942   1.00 32.98 ? 3   DC  A C6    1 
ATOM   58  P  P     . DG  A 1 4  ? 0.718   2.768   13.470  1.00 41.30 ? 4   DG  A P     1 
ATOM   59  O  OP1   . DG  A 1 4  ? 0.001   2.359   14.725  1.00 46.97 ? 4   DG  A OP1   1 
ATOM   60  O  OP2   . DG  A 1 4  ? 1.487   1.721   12.716  1.00 43.18 ? 4   DG  A OP2   1 
ATOM   61  O  "O5'" . DG  A 1 4  ? -0.358  3.371   12.442  1.00 39.14 ? 4   DG  A "O5'" 1 
ATOM   62  C  "C5'" . DG  A 1 4  ? -1.244  4.424   12.881  1.00 40.42 ? 4   DG  A "C5'" 1 
ATOM   63  C  "C4'" . DG  A 1 4  ? -2.033  4.924   11.695  1.00 42.58 ? 4   DG  A "C4'" 1 
ATOM   64  O  "O4'" . DG  A 1 4  ? -1.120  5.373   10.669  1.00 40.40 ? 4   DG  A "O4'" 1 
ATOM   65  C  "C3'" . DG  A 1 4  ? -2.965  3.904   11.041  1.00 43.36 ? 4   DG  A "C3'" 1 
ATOM   66  O  "O3'" . DG  A 1 4  ? -4.193  4.568   10.736  1.00 48.61 ? 4   DG  A "O3'" 1 
ATOM   67  C  "C2'" . DG  A 1 4  ? -2.187  3.479   9.797   1.00 39.48 ? 4   DG  A "C2'" 1 
ATOM   68  C  "C1'" . DG  A 1 4  ? -1.435  4.748   9.429   1.00 37.51 ? 4   DG  A "C1'" 1 
ATOM   69  N  N9    . DG  A 1 4  ? -0.177  4.555   8.709   1.00 32.18 ? 4   DG  A N9    1 
ATOM   70  C  C8    . DG  A 1 4  ? 0.818   3.640   8.953   1.00 29.87 ? 4   DG  A C8    1 
ATOM   71  N  N7    . DG  A 1 4  ? 1.840   3.748   8.145   1.00 31.08 ? 4   DG  A N7    1 
ATOM   72  C  C5    . DG  A 1 4  ? 1.522   4.833   7.334   1.00 28.40 ? 4   DG  A C5    1 
ATOM   73  C  C6    . DG  A 1 4  ? 2.249   5.411   6.263   1.00 28.80 ? 4   DG  A C6    1 
ATOM   74  O  O6    . DG  A 1 4  ? 3.360   5.089   5.821   1.00 32.69 ? 4   DG  A O6    1 
ATOM   75  N  N1    . DG  A 1 4  ? 1.546   6.482   5.710   1.00 26.61 ? 4   DG  A N1    1 
ATOM   76  C  C2    . DG  A 1 4  ? 0.305   6.914   6.105   1.00 26.34 ? 4   DG  A C2    1 
ATOM   77  N  N2    . DG  A 1 4  ? -0.213  7.967   5.456   1.00 30.55 ? 4   DG  A N2    1 
ATOM   78  N  N3    . DG  A 1 4  ? -0.377  6.384   7.125   1.00 28.96 ? 4   DG  A N3    1 
ATOM   79  C  C4    . DG  A 1 4  ? 0.286   5.341   7.675   1.00 30.48 ? 4   DG  A C4    1 
ATOM   80  P  P     . DA  A 1 5  ? -5.349  3.658   10.084  1.00 50.85 ? 5   DA  A P     1 
ATOM   81  O  OP1   . DA  A 1 5  ? -6.645  3.931   10.797  1.00 55.14 ? 5   DA  A OP1   1 
ATOM   82  O  OP2   . DA  A 1 5  ? -4.895  2.232   9.924   1.00 49.40 ? 5   DA  A OP2   1 
ATOM   83  O  "O5'" . DA  A 1 5  ? -5.447  4.304   8.617   1.00 45.03 ? 5   DA  A "O5'" 1 
ATOM   84  C  "C5'" . DA  A 1 5  ? -5.798  5.701   8.498   1.00 41.27 ? 5   DA  A "C5'" 1 
ATOM   85  C  "C4'" . DA  A 1 5  ? -5.517  6.157   7.090   1.00 37.80 ? 5   DA  A "C4'" 1 
ATOM   86  O  "O4'" . DA  A 1 5  ? -4.164  5.798   6.743   1.00 38.95 ? 5   DA  A "O4'" 1 
ATOM   87  C  "C3'" . DA  A 1 5  ? -6.438  5.566   6.020   1.00 38.60 ? 5   DA  A "C3'" 1 
ATOM   88  O  "O3'" . DA  A 1 5  ? -7.019  6.677   5.319   1.00 40.28 ? 5   DA  A "O3'" 1 
ATOM   89  C  "C2'" . DA  A 1 5  ? -5.507  4.671   5.193   1.00 36.08 ? 5   DA  A "C2'" 1 
ATOM   90  C  "C1'" . DA  A 1 5  ? -4.130  5.280   5.417   1.00 35.42 ? 5   DA  A "C1'" 1 
ATOM   91  N  N9    . DA  A 1 5  ? -2.965  4.394   5.381   1.00 32.62 ? 5   DA  A N9    1 
ATOM   92  C  C8    . DA  A 1 5  ? -2.656  3.355   6.225   1.00 28.62 ? 5   DA  A C8    1 
ATOM   93  N  N7    . DA  A 1 5  ? -1.484  2.821   5.995   1.00 31.51 ? 5   DA  A N7    1 
ATOM   94  C  C5    . DA  A 1 5  ? -0.972  3.566   4.942   1.00 28.25 ? 5   DA  A C5    1 
ATOM   95  C  C6    . DA  A 1 5  ? 0.250   3.502   4.244   1.00 25.86 ? 5   DA  A C6    1 
ATOM   96  N  N6    . DA  A 1 5  ? 1.192   2.598   4.479   1.00 26.77 ? 5   DA  A N6    1 
ATOM   97  N  N1    . DA  A 1 5  ? 0.438   4.375   3.226   1.00 25.43 ? 5   DA  A N1    1 
ATOM   98  C  C2    . DA  A 1 5  ? -0.517  5.279   2.983   1.00 25.78 ? 5   DA  A C2    1 
ATOM   99  N  N3    . DA  A 1 5  ? -1.694  5.449   3.583   1.00 29.23 ? 5   DA  A N3    1 
ATOM   100 C  C4    . DA  A 1 5  ? -1.863  4.556   4.573   1.00 28.79 ? 5   DA  A C4    1 
ATOM   101 P  P     . DA  A 1 6  ? -8.155  6.412   4.206   1.00 43.24 ? 6   DA  A P     1 
ATOM   102 O  OP1   . DA  A 1 6  ? -8.954  7.678   4.042   1.00 41.48 ? 6   DA  A OP1   1 
ATOM   103 O  OP2   . DA  A 1 6  ? -8.860  5.113   4.477   1.00 43.33 ? 6   DA  A OP2   1 
ATOM   104 O  "O5'" . DA  A 1 6  ? -7.230  6.220   2.911   1.00 38.48 ? 6   DA  A "O5'" 1 
ATOM   105 C  "C5'" . DA  A 1 6  ? -6.567  7.379   2.368   1.00 35.05 ? 6   DA  A "C5'" 1 
ATOM   106 C  "C4'" . DA  A 1 6  ? -5.802  6.962   1.141   1.00 33.72 ? 6   DA  A "C4'" 1 
ATOM   107 O  "O4'" . DA  A 1 6  ? -4.734  6.065   1.516   1.00 31.06 ? 6   DA  A "O4'" 1 
ATOM   108 C  "C3'" . DA  A 1 6  ? -6.651  6.249   0.094   1.00 32.57 ? 6   DA  A "C3'" 1 
ATOM   109 O  "O3'" . DA  A 1 6  ? -6.519  7.061   -1.078  1.00 35.10 ? 6   DA  A "O3'" 1 
ATOM   110 C  "C2'" . DA  A 1 6  ? -6.036  4.847   0.013   1.00 31.37 ? 6   DA  A "C2'" 1 
ATOM   111 C  "C1'" . DA  A 1 6  ? -4.616  5.056   0.517   1.00 29.99 ? 6   DA  A "C1'" 1 
ATOM   112 N  N9    . DA  A 1 6  ? -3.951  3.911   1.154   1.00 27.86 ? 6   DA  A N9    1 
ATOM   113 C  C8    . DA  A 1 6  ? -4.423  3.172   2.211   1.00 26.77 ? 6   DA  A C8    1 
ATOM   114 N  N7    . DA  A 1 6  ? -3.588  2.247   2.617   1.00 26.60 ? 6   DA  A N7    1 
ATOM   115 C  C5    . DA  A 1 6  ? -2.476  2.396   1.807   1.00 25.12 ? 6   DA  A C5    1 
ATOM   116 C  C6    . DA  A 1 6  ? -1.234  1.717   1.761   1.00 24.84 ? 6   DA  A C6    1 
ATOM   117 N  N6    . DA  A 1 6  ? -0.906  0.716   2.578   1.00 24.68 ? 6   DA  A N6    1 
ATOM   118 N  N1    . DA  A 1 6  ? -0.337  2.100   0.822   1.00 23.89 ? 6   DA  A N1    1 
ATOM   119 C  C2    . DA  A 1 6  ? -0.670  3.121   0.016   1.00 27.24 ? 6   DA  A C2    1 
ATOM   120 N  N3    . DA  A 1 6  ? -1.795  3.839   -0.018  1.00 26.25 ? 6   DA  A N3    1 
ATOM   121 C  C4    . DA  A 1 6  ? -2.676  3.430   0.910   1.00 25.51 ? 6   DA  A C4    1 
ATOM   122 P  P     . DT  A 1 7  ? -7.333  6.643   -2.401  1.00 34.42 ? 7   DT  A P     1 
ATOM   123 O  OP1   . DT  A 1 7  ? -7.587  7.891   -3.208  1.00 39.28 ? 7   DT  A OP1   1 
ATOM   124 O  OP2   . DT  A 1 7  ? -8.458  5.685   -2.125  1.00 35.43 ? 7   DT  A OP2   1 
ATOM   125 O  "O5'" . DT  A 1 7  ? -6.189  5.780   -3.121  1.00 32.52 ? 7   DT  A "O5'" 1 
ATOM   126 C  "C5'" . DT  A 1 7  ? -4.897  6.387   -3.321  1.00 30.74 ? 7   DT  A "C5'" 1 
ATOM   127 C  "C4'" . DT  A 1 7  ? -3.953  5.370   -3.910  1.00 29.68 ? 7   DT  A "C4'" 1 
ATOM   128 O  "O4'" . DT  A 1 7  ? -3.610  4.386   -2.910  1.00 28.29 ? 7   DT  A "O4'" 1 
ATOM   129 C  "C3'" . DT  A 1 7  ? -4.468  4.600   -5.127  1.00 28.38 ? 7   DT  A "C3'" 1 
ATOM   130 O  "O3'" . DT  A 1 7  ? -3.653  5.045   -6.211  1.00 31.89 ? 7   DT  A "O3'" 1 
ATOM   131 C  "C2'" . DT  A 1 7  ? -4.306  3.129   -4.734  1.00 27.66 ? 7   DT  A "C2'" 1 
ATOM   132 C  "C1'" . DT  A 1 7  ? -3.303  3.176   -3.586  1.00 27.86 ? 7   DT  A "C1'" 1 
ATOM   133 N  N1    . DT  A 1 7  ? -3.379  2.090   -2.569  1.00 25.08 ? 7   DT  A N1    1 
ATOM   134 C  C2    . DT  A 1 7  ? -2.243  1.329   -2.337  1.00 25.14 ? 7   DT  A C2    1 
ATOM   135 O  O2    . DT  A 1 7  ? -1.207  1.445   -2.981  1.00 25.71 ? 7   DT  A O2    1 
ATOM   136 N  N3    . DT  A 1 7  ? -2.365  0.386   -1.347  1.00 23.49 ? 7   DT  A N3    1 
ATOM   137 C  C4    . DT  A 1 7  ? -3.473  0.141   -0.563  1.00 23.45 ? 7   DT  A C4    1 
ATOM   138 O  O4    . DT  A 1 7  ? -3.429  -0.743  0.299   1.00 24.91 ? 7   DT  A O4    1 
ATOM   139 C  C5    . DT  A 1 7  ? -4.628  0.963   -0.852  1.00 22.90 ? 7   DT  A C5    1 
ATOM   140 C  C7    . DT  A 1 7  ? -5.876  0.757   -0.048  1.00 25.59 ? 7   DT  A C7    1 
ATOM   141 C  C6    . DT  A 1 7  ? -4.521  1.897   -1.815  1.00 24.87 ? 7   DT  A C6    1 
ATOM   142 P  P     . DT  A 1 8  ? -3.860  4.485   -7.705  1.00 35.37 ? 8   DT  A P     1 
ATOM   143 O  OP1   . DT  A 1 8  ? -3.285  5.486   -8.676  1.00 36.59 ? 8   DT  A OP1   1 
ATOM   144 O  OP2   . DT  A 1 8  ? -5.246  3.940   -7.879  1.00 32.86 ? 8   DT  A OP2   1 
ATOM   145 O  "O5'" . DT  A 1 8  ? -2.845  3.243   -7.707  1.00 33.23 ? 8   DT  A "O5'" 1 
ATOM   146 C  "C5'" . DT  A 1 8  ? -1.432  3.505   -7.541  1.00 31.49 ? 8   DT  A "C5'" 1 
ATOM   147 C  "C4'" . DT  A 1 8  ? -0.696  2.189   -7.543  1.00 30.78 ? 8   DT  A "C4'" 1 
ATOM   148 O  "O4'" . DT  A 1 8  ? -1.049  1.435   -6.360  1.00 30.04 ? 8   DT  A "O4'" 1 
ATOM   149 C  "C3'" . DT  A 1 8  ? -0.980  1.287   -8.747  1.00 31.48 ? 8   DT  A "C3'" 1 
ATOM   150 O  "O3'" . DT  A 1 8  ? 0.277   1.089   -9.396  1.00 32.54 ? 8   DT  A "O3'" 1 
ATOM   151 C  "C2'" . DT  A 1 8  ? -1.605  0.028   -8.148  1.00 30.07 ? 8   DT  A "C2'" 1 
ATOM   152 C  "C1'" . DT  A 1 8  ? -1.106  0.057   -6.711  1.00 27.68 ? 8   DT  A "C1'" 1 
ATOM   153 N  N1    . DT  A 1 8  ? -1.955  -0.624  -5.695  1.00 24.63 ? 8   DT  A N1    1 
ATOM   154 C  C2    . DT  A 1 8  ? -1.364  -1.561  -4.867  1.00 25.32 ? 8   DT  A C2    1 
ATOM   155 O  O2    . DT  A 1 8  ? -0.195  -1.907  -4.973  1.00 26.16 ? 8   DT  A O2    1 
ATOM   156 N  N3    . DT  A 1 8  ? -2.196  -2.099  -3.910  1.00 23.57 ? 8   DT  A N3    1 
ATOM   157 C  C4    . DT  A 1 8  ? -3.532  -1.797  -3.698  1.00 23.23 ? 8   DT  A C4    1 
ATOM   158 O  O4    . DT  A 1 8  ? -4.139  -2.351  -2.783  1.00 23.64 ? 8   DT  A O4    1 
ATOM   159 C  C5    . DT  A 1 8  ? -4.091  -0.815  -4.601  1.00 23.33 ? 8   DT  A C5    1 
ATOM   160 C  C7    . DT  A 1 8  ? -5.529  -0.422  -4.428  1.00 24.63 ? 8   DT  A C7    1 
ATOM   161 C  C6    . DT  A 1 8  ? -3.281  -0.263  -5.522  1.00 24.50 ? 8   DT  A C6    1 
ATOM   162 P  P     . DC  A 1 9  ? 0.445   0.018   -10.586 1.00 35.88 ? 9   DC  A P     1 
ATOM   163 O  OP1   . DC  A 1 9  ? 1.596   0.520   -11.415 1.00 38.07 ? 9   DC  A OP1   1 
ATOM   164 O  OP2   . DC  A 1 9  ? -0.852  -0.389  -11.225 1.00 35.65 ? 9   DC  A OP2   1 
ATOM   165 O  "O5'" . DC  A 1 9  ? 0.956   -1.269  -9.773  1.00 33.52 ? 9   DC  A "O5'" 1 
ATOM   166 C  "C5'" . DC  A 1 9  ? 2.151   -1.161  -8.960  1.00 31.25 ? 9   DC  A "C5'" 1 
ATOM   167 C  "C4'" . DC  A 1 9  ? 2.526   -2.531  -8.444  1.00 30.28 ? 9   DC  A "C4'" 1 
ATOM   168 O  "O4'" . DC  A 1 9  ? 1.530   -3.008  -7.507  1.00 28.56 ? 9   DC  A "O4'" 1 
ATOM   169 C  "C3'" . DC  A 1 9  ? 2.690   -3.635  -9.491  1.00 30.41 ? 9   DC  A "C3'" 1 
ATOM   170 O  "O3'" . DC  A 1 9  ? 3.920   -4.287  -9.166  1.00 34.17 ? 9   DC  A "O3'" 1 
ATOM   171 C  "C2'" . DC  A 1 9  ? 1.457   -4.516  -9.285  1.00 28.85 ? 9   DC  A "C2'" 1 
ATOM   172 C  "C1'" . DC  A 1 9  ? 1.174   -4.346  -7.801  1.00 25.79 ? 9   DC  A "C1'" 1 
ATOM   173 N  N1    . DC  A 1 9  ? -0.234  -4.479  -7.333  1.00 24.55 ? 9   DC  A N1    1 
ATOM   174 C  C2    . DC  A 1 9  ? -0.533  -5.330  -6.255  1.00 24.47 ? 9   DC  A C2    1 
ATOM   175 O  O2    . DC  A 1 9  ? 0.354   -6.067  -5.798  1.00 24.81 ? 9   DC  A O2    1 
ATOM   176 N  N3    . DC  A 1 9  ? -1.802  -5.370  -5.770  1.00 23.12 ? 9   DC  A N3    1 
ATOM   177 C  C4    . DC  A 1 9  ? -2.752  -4.588  -6.295  1.00 23.71 ? 9   DC  A C4    1 
ATOM   178 N  N4    . DC  A 1 9  ? -3.967  -4.652  -5.771  1.00 22.83 ? 9   DC  A N4    1 
ATOM   179 C  C5    . DC  A 1 9  ? -2.466  -3.710  -7.382  1.00 24.41 ? 9   DC  A C5    1 
ATOM   180 C  C6    . DC  A 1 9  ? -1.201  -3.665  -7.838  1.00 24.33 ? 9   DC  A C6    1 
ATOM   181 P  P     . DG  A 1 10 ? 4.650   -5.145  -10.318 1.00 37.56 ? 10  DG  A P     1 
ATOM   182 O  OP1   . DG  A 1 10 ? 6.110   -5.194  -9.952  1.00 42.90 ? 10  DG  A OP1   1 
ATOM   183 O  OP2   . DG  A 1 10 ? 4.202   -4.705  -11.679 1.00 38.43 ? 10  DG  A OP2   1 
ATOM   184 O  "O5'" . DG  A 1 10 ? 4.041   -6.615  -10.080 1.00 34.30 ? 10  DG  A "O5'" 1 
ATOM   185 C  "C5'" . DG  A 1 10 ? 4.297   -7.289  -8.827  1.00 33.32 ? 10  DG  A "C5'" 1 
ATOM   186 C  "C4'" . DG  A 1 10 ? 3.385   -8.489  -8.708  1.00 33.70 ? 10  DG  A "C4'" 1 
ATOM   187 O  "O4'" . DG  A 1 10 ? 2.050   -8.052  -8.355  1.00 32.79 ? 10  DG  A "O4'" 1 
ATOM   188 C  "C3'" . DG  A 1 10 ? 3.227   -9.345  -9.971  1.00 33.85 ? 10  DG  A "C3'" 1 
ATOM   189 O  "O3'" . DG  A 1 10 ? 3.118   -10.716 -9.577  1.00 36.27 ? 10  DG  A "O3'" 1 
ATOM   190 C  "C2'" . DG  A 1 10 ? 1.868   -8.887  -10.499 1.00 32.15 ? 10  DG  A "C2'" 1 
ATOM   191 C  "C1'" . DG  A 1 10 ? 1.146   -8.792  -9.172  1.00 30.49 ? 10  DG  A "C1'" 1 
ATOM   192 N  N9    . DG  A 1 10 ? -0.169  -8.151  -9.175  1.00 26.90 ? 10  DG  A N9    1 
ATOM   193 C  C8    . DG  A 1 10 ? -0.732  -7.232  -10.024 1.00 27.00 ? 10  DG  A C8    1 
ATOM   194 N  N7    . DG  A 1 10 ? -1.959  -6.894  -9.682  1.00 25.60 ? 10  DG  A N7    1 
ATOM   195 C  C5    . DG  A 1 10 ? -2.203  -7.618  -8.520  1.00 24.78 ? 10  DG  A C5    1 
ATOM   196 C  C6    . DG  A 1 10 ? -3.360  -7.670  -7.703  1.00 22.69 ? 10  DG  A C6    1 
ATOM   197 O  O6    . DG  A 1 10 ? -4.430  -7.044  -7.828  1.00 24.14 ? 10  DG  A O6    1 
ATOM   198 N  N1    . DG  A 1 10 ? -3.183  -8.539  -6.627  1.00 23.27 ? 10  DG  A N1    1 
ATOM   199 C  C2    . DG  A 1 10 ? -2.056  -9.290  -6.386  1.00 24.89 ? 10  DG  A C2    1 
ATOM   200 N  N2    . DG  A 1 10 ? -2.082  -10.088 -5.311  1.00 24.88 ? 10  DG  A N2    1 
ATOM   201 N  N3    . DG  A 1 10 ? -0.959  -9.235  -7.145  1.00 25.07 ? 10  DG  A N3    1 
ATOM   202 C  C4    . DG  A 1 10 ? -1.116  -8.403  -8.205  1.00 24.22 ? 10  DG  A C4    1 
ATOM   203 P  P     . DC  A 1 11 ? 4.414   -11.634 -9.831  1.00 41.97 ? 11  DC  A P     1 
ATOM   204 O  OP1   . DC  A 1 11 ? 5.663   -10.853 -9.529  1.00 42.48 ? 11  DC  A OP1   1 
ATOM   205 O  OP2   . DC  A 1 11 ? 4.272   -12.267 -11.186 1.00 40.10 ? 11  DC  A OP2   1 
ATOM   206 O  "O5'" . DC  A 1 11 ? 4.205   -12.738 -8.682  1.00 36.42 ? 11  DC  A "O5'" 1 
ATOM   207 C  "C5'" . DC  A 1 11 ? 4.346   -12.347 -7.293  1.00 38.02 ? 11  DC  A "C5'" 1 
ATOM   208 C  "C4'" . DC  A 1 11 ? 3.368   -13.106 -6.425  1.00 36.79 ? 11  DC  A "C4'" 1 
ATOM   209 O  "O4'" . DC  A 1 11 ? 2.021   -12.600 -6.598  1.00 35.85 ? 11  DC  A "O4'" 1 
ATOM   210 C  "C3'" . DC  A 1 11 ? 3.281   -14.617 -6.629  1.00 35.74 ? 11  DC  A "C3'" 1 
ATOM   211 O  "O3'" . DC  A 1 11 ? 3.174   -15.167 -5.312  1.00 39.67 ? 11  DC  A "O3'" 1 
ATOM   212 C  "C2'" . DC  A 1 11 ? 2.004   -14.775 -7.452  1.00 36.26 ? 11  DC  A "C2'" 1 
ATOM   213 C  "C1'" . DC  A 1 11 ? 1.128   -13.661 -6.899  1.00 32.45 ? 11  DC  A "C1'" 1 
ATOM   214 N  N1    . DC  A 1 11 ? 0.124   -13.062 -7.812  1.00 30.23 ? 11  DC  A N1    1 
ATOM   215 C  C2    . DC  A 1 11 ? -1.178  -12.851 -7.331  1.00 27.18 ? 11  DC  A C2    1 
ATOM   216 O  O2    . DC  A 1 11 ? -1.465  -13.282 -6.205  1.00 28.41 ? 11  DC  A O2    1 
ATOM   217 N  N3    . DC  A 1 11 ? -2.078  -12.224 -8.120  1.00 28.01 ? 11  DC  A N3    1 
ATOM   218 C  C4    . DC  A 1 11 ? -1.723  -11.761 -9.320  1.00 27.98 ? 11  DC  A C4    1 
ATOM   219 N  N4    . DC  A 1 11 ? -2.633  -11.119 -10.031 1.00 29.41 ? 11  DC  A N4    1 
ATOM   220 C  C5    . DC  A 1 11 ? -0.403  -11.942 -9.817  1.00 29.46 ? 11  DC  A C5    1 
ATOM   221 C  C6    . DC  A 1 11 ? 0.482   -12.575 -9.031  1.00 29.97 ? 11  DC  A C6    1 
ATOM   222 P  P     . DG  A 1 12 ? 3.547   -16.722 -5.125  1.00 45.85 ? 12  DG  A P     1 
ATOM   223 O  OP1   . DG  A 1 12 ? 3.983   -16.944 -3.703  1.00 47.82 ? 12  DG  A OP1   1 
ATOM   224 O  OP2   . DG  A 1 12 ? 4.454   -17.218 -6.221  1.00 48.55 ? 12  DG  A OP2   1 
ATOM   225 O  "O5'" . DG  A 1 12 ? 2.124   -17.430 -5.348  1.00 44.35 ? 12  DG  A "O5'" 1 
ATOM   226 C  "C5'" . DG  A 1 12 ? 1.131   -17.374 -4.292  1.00 39.31 ? 12  DG  A "C5'" 1 
ATOM   227 C  "C4'" . DG  A 1 12 ? -0.140  -18.016 -4.796  1.00 35.86 ? 12  DG  A "C4'" 1 
ATOM   228 O  "O4'" . DG  A 1 12 ? -0.743  -17.132 -5.752  1.00 36.63 ? 12  DG  A "O4'" 1 
ATOM   229 C  "C3'" . DG  A 1 12 ? 0.066   -19.336 -5.536  1.00 37.74 ? 12  DG  A "C3'" 1 
ATOM   230 O  "O3'" . DG  A 1 12 ? -0.392  -20.400 -4.705  1.00 41.71 ? 12  DG  A "O3'" 1 
ATOM   231 C  "C2'" . DG  A 1 12 ? -0.755  -19.212 -6.825  1.00 35.17 ? 12  DG  A "C2'" 1 
ATOM   232 C  "C1'" . DG  A 1 12 ? -1.520  -17.907 -6.661  1.00 33.48 ? 12  DG  A "C1'" 1 
ATOM   233 N  N9    . DG  A 1 12 ? -1.666  -17.080 -7.863  1.00 29.97 ? 12  DG  A N9    1 
ATOM   234 C  C8    . DG  A 1 12 ? -0.701  -16.782 -8.792  1.00 31.03 ? 12  DG  A C8    1 
ATOM   235 N  N7    . DG  A 1 12 ? -1.115  -15.943 -9.711  1.00 28.20 ? 12  DG  A N7    1 
ATOM   236 C  C5    . DG  A 1 12 ? -2.416  -15.640 -9.339  1.00 27.79 ? 12  DG  A C5    1 
ATOM   237 C  C6    . DG  A 1 12 ? -3.371  -14.797 -9.957  1.00 27.93 ? 12  DG  A C6    1 
ATOM   238 O  O6    . DG  A 1 12 ? -3.234  -14.118 -10.984 1.00 30.58 ? 12  DG  A O6    1 
ATOM   239 N  N1    . DG  A 1 12 ? -4.577  -14.767 -9.259  1.00 27.03 ? 12  DG  A N1    1 
ATOM   240 C  C2    . DG  A 1 12 ? -4.843  -15.474 -8.111  1.00 27.64 ? 12  DG  A C2    1 
ATOM   241 N  N2    . DG  A 1 12 ? -6.075  -15.353 -7.602  1.00 28.61 ? 12  DG  A N2    1 
ATOM   242 N  N3    . DG  A 1 12 ? -3.954  -16.289 -7.541  1.00 28.41 ? 12  DG  A N3    1 
ATOM   243 C  C4    . DG  A 1 12 ? -2.766  -16.319 -8.191  1.00 28.41 ? 12  DG  A C4    1 
ATOM   244 O  "O5'" . DC  B 1 1  ? -13.668 -11.831 -12.414 1.00 57.77 ? 13  DC  B "O5'" 1 
ATOM   245 C  "C5'" . DC  B 1 1  ? -13.349 -13.024 -11.647 1.00 52.17 ? 13  DC  B "C5'" 1 
ATOM   246 C  "C4'" . DC  B 1 1  ? -12.434 -12.679 -10.496 1.00 48.23 ? 13  DC  B "C4'" 1 
ATOM   247 O  "O4'" . DC  B 1 1  ? -11.088 -13.105 -10.803 1.00 41.40 ? 13  DC  B "O4'" 1 
ATOM   248 C  "C3'" . DC  B 1 1  ? -12.305 -11.195 -10.136 1.00 48.69 ? 13  DC  B "C3'" 1 
ATOM   249 O  "O3'" . DC  B 1 1  ? -13.077 -10.656 -9.048  1.00 56.92 ? 13  DC  B "O3'" 1 
ATOM   250 C  "C2'" . DC  B 1 1  ? -10.842 -11.027 -9.748  1.00 44.83 ? 13  DC  B "C2'" 1 
ATOM   251 C  "C1'" . DC  B 1 1  ? -10.226 -12.405 -9.933  1.00 40.08 ? 13  DC  B "C1'" 1 
ATOM   252 N  N1    . DC  B 1 1  ? -8.870  -12.374 -10.524 1.00 37.15 ? 13  DC  B N1    1 
ATOM   253 C  C2    . DC  B 1 1  ? -7.853  -13.122 -9.922  1.00 35.22 ? 13  DC  B C2    1 
ATOM   254 O  O2    . DC  B 1 1  ? -8.127  -13.813 -8.925  1.00 34.05 ? 13  DC  B O2    1 
ATOM   255 N  N3    . DC  B 1 1  ? -6.612  -13.074 -10.448 1.00 32.39 ? 13  DC  B N3    1 
ATOM   256 C  C4    . DC  B 1 1  ? -6.353  -12.314 -11.524 1.00 36.35 ? 13  DC  B C4    1 
ATOM   257 N  N4    . DC  B 1 1  ? -5.116  -12.304 -11.995 1.00 36.96 ? 13  DC  B N4    1 
ATOM   258 C  C5    . DC  B 1 1  ? -7.374  -11.540 -12.143 1.00 38.28 ? 13  DC  B C5    1 
ATOM   259 C  C6    . DC  B 1 1  ? -8.604  -11.597 -11.611 1.00 37.21 ? 13  DC  B C6    1 
ATOM   260 P  P     . DG  B 1 2  ? -13.882 -11.521 -7.956  1.00 56.41 ? 14  DG  B P     1 
ATOM   261 O  OP1   . DG  B 1 2  ? -14.201 -12.906 -8.453  1.00 64.45 ? 14  DG  B OP1   1 
ATOM   262 O  OP2   . DG  B 1 2  ? -15.025 -10.663 -7.490  1.00 61.80 ? 14  DG  B OP2   1 
ATOM   263 O  "O5'" . DG  B 1 2  ? -12.840 -11.641 -6.739  1.00 47.31 ? 14  DG  B "O5'" 1 
ATOM   264 C  "C5'" . DG  B 1 2  ? -12.778 -12.897 -6.018  1.00 40.44 ? 14  DG  B "C5'" 1 
ATOM   265 C  "C4'" . DG  B 1 2  ? -11.590 -12.908 -5.087  1.00 35.93 ? 14  DG  B "C4'" 1 
ATOM   266 O  "O4'" . DG  B 1 2  ? -10.362 -12.829 -5.837  1.00 36.61 ? 14  DG  B "O4'" 1 
ATOM   267 C  "C3'" . DG  B 1 2  ? -11.552 -11.787 -4.053  1.00 35.59 ? 14  DG  B "C3'" 1 
ATOM   268 O  "O3'" . DG  B 1 2  ? -11.505 -12.422 -2.793  1.00 32.54 ? 14  DG  B "O3'" 1 
ATOM   269 C  "C2'" . DG  B 1 2  ? -10.249 -11.046 -4.336  1.00 34.10 ? 14  DG  B "C2'" 1 
ATOM   270 C  "C1'" . DG  B 1 2  ? -9.420  -12.073 -5.082  1.00 33.70 ? 14  DG  B "C1'" 1 
ATOM   271 N  N9    . DG  B 1 2  ? -8.529  -11.457 -6.053  1.00 30.88 ? 14  DG  B N9    1 
ATOM   272 C  C8    . DG  B 1 2  ? -8.918  -10.506 -6.952  1.00 31.29 ? 14  DG  B C8    1 
ATOM   273 N  N7    . DG  B 1 2  ? -7.942  -10.124 -7.735  1.00 29.83 ? 14  DG  B N7    1 
ATOM   274 C  C5    . DG  B 1 2  ? -6.853  -10.885 -7.345  1.00 27.98 ? 14  DG  B C5    1 
ATOM   275 C  C6    . DG  B 1 2  ? -5.525  -10.890 -7.836  1.00 26.70 ? 14  DG  B C6    1 
ATOM   276 O  O6    . DG  B 1 2  ? -5.055  -10.225 -8.770  1.00 28.61 ? 14  DG  B O6    1 
ATOM   277 N  N1    . DG  B 1 2  ? -4.731  -11.805 -7.143  1.00 26.09 ? 14  DG  B N1    1 
ATOM   278 C  C2    . DG  B 1 2  ? -5.165  -12.603 -6.111  1.00 26.39 ? 14  DG  B C2    1 
ATOM   279 N  N2    . DG  B 1 2  ? -4.263  -13.418 -5.554  1.00 27.55 ? 14  DG  B N2    1 
ATOM   280 N  N3    . DG  B 1 2  ? -6.417  -12.593 -5.639  1.00 27.34 ? 14  DG  B N3    1 
ATOM   281 C  C4    . DG  B 1 2  ? -7.197  -11.706 -6.297  1.00 29.75 ? 14  DG  B C4    1 
ATOM   282 P  P     . DC  B 1 3  ? -11.464 -11.449 -1.513  1.00 34.36 ? 15  DC  B P     1 
ATOM   283 O  OP1   . DC  B 1 3  ? -12.164 -12.220 -0.432  1.00 36.15 ? 15  DC  B OP1   1 
ATOM   284 O  OP2   . DC  B 1 3  ? -11.778 -10.011 -1.821  1.00 35.26 ? 15  DC  B OP2   1 
ATOM   285 O  "O5'" . DC  B 1 3  ? -9.904  -11.480 -1.125  1.00 29.40 ? 15  DC  B "O5'" 1 
ATOM   286 C  "C5'" . DC  B 1 3  ? -9.262  -12.732 -0.778  1.00 29.93 ? 15  DC  B "C5'" 1 
ATOM   287 C  "C4'" . DC  B 1 3  ? -7.775  -12.506 -0.886  1.00 27.84 ? 15  DC  B "C4'" 1 
ATOM   288 O  "O4'" . DC  B 1 3  ? -7.497  -11.983 -2.195  1.00 27.60 ? 15  DC  B "O4'" 1 
ATOM   289 C  "C3'" . DC  B 1 3  ? -7.235  -11.446 0.063   1.00 29.92 ? 15  DC  B "C3'" 1 
ATOM   290 O  "O3'" . DC  B 1 3  ? -6.825  -12.119 1.238   1.00 30.02 ? 15  DC  B "O3'" 1 
ATOM   291 C  "C2'" . DC  B 1 3  ? -6.018  -10.909 -0.680  1.00 31.03 ? 15  DC  B "C2'" 1 
ATOM   292 C  "C1'" . DC  B 1 3  ? -6.280  -11.264 -2.133  1.00 28.47 ? 15  DC  B "C1'" 1 
ATOM   293 N  N1    . DC  B 1 3  ? -6.382  -10.122 -3.065  1.00 26.89 ? 15  DC  B N1    1 
ATOM   294 C  C2    . DC  B 1 3  ? -5.287  -9.850  -3.888  1.00 24.06 ? 15  DC  B C2    1 
ATOM   295 O  O2    . DC  B 1 3  ? -4.277  -10.548 -3.754  1.00 25.43 ? 15  DC  B O2    1 
ATOM   296 N  N3    . DC  B 1 3  ? -5.372  -8.850  -4.797  1.00 23.78 ? 15  DC  B N3    1 
ATOM   297 C  C4    . DC  B 1 3  ? -6.490  -8.118  -4.878  1.00 26.13 ? 15  DC  B C4    1 
ATOM   298 N  N4    . DC  B 1 3  ? -6.532  -7.164  -5.796  1.00 27.72 ? 15  DC  B N4    1 
ATOM   299 C  C5    . DC  B 1 3  ? -7.619  -8.386  -4.054  1.00 28.90 ? 15  DC  B C5    1 
ATOM   300 C  C6    . DC  B 1 3  ? -7.518  -9.381  -3.159  1.00 27.95 ? 15  DC  B C6    1 
ATOM   301 P  P     . DG  B 1 4  ? -6.397  -11.188 2.469   1.00 33.47 ? 16  DG  B P     1 
ATOM   302 O  OP1   . DG  B 1 4  ? -6.709  -11.990 3.705   1.00 35.67 ? 16  DG  B OP1   1 
ATOM   303 O  OP2   . DG  B 1 4  ? -6.897  -9.774  2.355   1.00 32.90 ? 16  DG  B OP2   1 
ATOM   304 O  "O5'" . DG  B 1 4  ? -4.800  -11.060 2.326   1.00 31.85 ? 16  DG  B "O5'" 1 
ATOM   305 C  "C5'" . DG  B 1 4  ? -3.983  -12.248 2.255   1.00 29.50 ? 16  DG  B "C5'" 1 
ATOM   306 C  "C4'" . DG  B 1 4  ? -2.562  -11.873 1.909   1.00 29.03 ? 16  DG  B "C4'" 1 
ATOM   307 O  "O4'" . DG  B 1 4  ? -2.530  -11.219 0.619   1.00 27.31 ? 16  DG  B "O4'" 1 
ATOM   308 C  "C3'" . DG  B 1 4  ? -1.846  -10.940 2.884   1.00 30.57 ? 16  DG  B "C3'" 1 
ATOM   309 O  "O3'" . DG  B 1 4  ? -0.472  -11.314 2.842   1.00 33.38 ? 16  DG  B "O3'" 1 
ATOM   310 C  "C2'" . DG  B 1 4  ? -2.103  -9.568  2.269   1.00 30.33 ? 16  DG  B "C2'" 1 
ATOM   311 C  "C1'" . DG  B 1 4  ? -2.092  -9.867  0.779   1.00 27.80 ? 16  DG  B "C1'" 1 
ATOM   312 N  N9    . DG  B 1 4  ? -2.916  -8.957  -0.023  1.00 25.12 ? 16  DG  B N9    1 
ATOM   313 C  C8    . DG  B 1 4  ? -4.138  -8.403  0.276   1.00 24.58 ? 16  DG  B C8    1 
ATOM   314 N  N7    . DG  B 1 4  ? -4.584  -7.590  -0.653  1.00 24.22 ? 16  DG  B N7    1 
ATOM   315 C  C5    . DG  B 1 4  ? -3.571  -7.583  -1.609  1.00 22.10 ? 16  DG  B C5    1 
ATOM   316 C  C6    . DG  B 1 4  ? -3.468  -6.872  -2.832  1.00 23.01 ? 16  DG  B C6    1 
ATOM   317 O  O6    . DG  B 1 4  ? -4.279  -6.085  -3.333  1.00 22.38 ? 16  DG  B O6    1 
ATOM   318 N  N1    . DG  B 1 4  ? -2.247  -7.127  -3.476  1.00 22.13 ? 16  DG  B N1    1 
ATOM   319 C  C2    . DG  B 1 4  ? -1.275  -7.981  -3.018  1.00 21.66 ? 16  DG  B C2    1 
ATOM   320 N  N2    . DG  B 1 4  ? -0.170  -8.118  -3.770  1.00 22.16 ? 16  DG  B N2    1 
ATOM   321 N  N3    . DG  B 1 4  ? -1.376  -8.665  -1.880  1.00 22.63 ? 16  DG  B N3    1 
ATOM   322 C  C4    . DG  B 1 4  ? -2.532  -8.399  -1.220  1.00 23.52 ? 16  DG  B C4    1 
ATOM   323 P  P     . DA  B 1 5  ? 0.695   -10.359 3.408   1.00 35.11 ? 17  DA  B P     1 
ATOM   324 O  OP1   . DA  B 1 5  ? 1.719   -11.285 4.010   1.00 36.82 ? 17  DA  B OP1   1 
ATOM   325 O  OP2   . DA  B 1 5  ? 0.155   -9.218  4.225   1.00 34.20 ? 17  DA  B OP2   1 
ATOM   326 O  "O5'" . DA  B 1 5  ? 1.314   -9.752  2.059   1.00 31.05 ? 17  DA  B "O5'" 1 
ATOM   327 C  "C5'" . DA  B 1 5  ? 1.836   -10.657 1.065   1.00 32.48 ? 17  DA  B "C5'" 1 
ATOM   328 C  "C4'" . DA  B 1 5  ? 2.668   -9.874  0.080   1.00 31.24 ? 17  DA  B "C4'" 1 
ATOM   329 O  "O4'" . DA  B 1 5  ? 1.833   -8.944  -0.645  1.00 30.33 ? 17  DA  B "O4'" 1 
ATOM   330 C  "C3'" . DA  B 1 5  ? 3.806   -9.046  0.661   1.00 32.28 ? 17  DA  B "C3'" 1 
ATOM   331 O  "O3'" . DA  B 1 5  ? 4.823   -9.092  -0.329  1.00 34.20 ? 17  DA  B "O3'" 1 
ATOM   332 C  "C2'" . DA  B 1 5  ? 3.178   -7.660  0.806   1.00 31.93 ? 17  DA  B "C2'" 1 
ATOM   333 C  "C1'" . DA  B 1 5  ? 2.237   -7.596  -0.385  1.00 29.06 ? 17  DA  B "C1'" 1 
ATOM   334 N  N9    . DA  B 1 5  ? 1.001   -6.842  -0.175  1.00 24.83 ? 17  DA  B N9    1 
ATOM   335 C  C8    . DA  B 1 5  ? 0.102   -6.963  0.859   1.00 24.56 ? 17  DA  B C8    1 
ATOM   336 N  N7    . DA  B 1 5  ? -0.955  -6.195  0.739   1.00 24.14 ? 17  DA  B N7    1 
ATOM   337 C  C5    . DA  B 1 5  ? -0.752  -5.541  -0.468  1.00 21.68 ? 17  DA  B C5    1 
ATOM   338 C  C6    . DA  B 1 5  ? -1.524  -4.589  -1.159  1.00 21.39 ? 17  DA  B C6    1 
ATOM   339 N  N6    . DA  B 1 5  ? -2.699  -4.132  -0.722  1.00 23.46 ? 17  DA  B N6    1 
ATOM   340 N  N1    . DA  B 1 5  ? -1.025  -4.120  -2.321  1.00 21.16 ? 17  DA  B N1    1 
ATOM   341 C  C2    . DA  B 1 5  ? 0.155   -4.590  -2.760  1.00 22.45 ? 17  DA  B C2    1 
ATOM   342 N  N3    . DA  B 1 5  ? 0.967   -5.488  -2.198  1.00 21.90 ? 17  DA  B N3    1 
ATOM   343 C  C4    . DA  B 1 5  ? 0.450   -5.924  -1.038  1.00 23.28 ? 17  DA  B C4    1 
ATOM   344 P  P     . DA  B 1 6  ? 6.208   -8.353  0.024   1.00 38.21 ? 18  DA  B P     1 
ATOM   345 O  OP1   . DA  B 1 6  ? 7.272   -9.128  -0.697  1.00 38.84 ? 18  DA  B OP1   1 
ATOM   346 O  OP2   . DA  B 1 6  ? 6.259   -8.019  1.487   1.00 33.38 ? 18  DA  B OP2   1 
ATOM   347 O  "O5'" . DA  B 1 6  ? 6.042   -6.926  -0.693  1.00 35.63 ? 18  DA  B "O5'" 1 
ATOM   348 C  "C5'" . DA  B 1 6  ? 5.895   -6.873  -2.123  1.00 31.77 ? 18  DA  B "C5'" 1 
ATOM   349 C  "C4'" . DA  B 1 6  ? 5.705   -5.432  -2.538  1.00 32.16 ? 18  DA  B "C4'" 1 
ATOM   350 O  "O4'" . DA  B 1 6  ? 4.406   -4.977  -2.110  1.00 29.96 ? 18  DA  B "O4'" 1 
ATOM   351 C  "C3'" . DA  B 1 6  ? 6.723   -4.441  -1.966  1.00 33.17 ? 18  DA  B "C3'" 1 
ATOM   352 O  "O3'" . DA  B 1 6  ? 7.287   -3.784  -3.099  1.00 38.93 ? 18  DA  B "O3'" 1 
ATOM   353 C  "C2'" . DA  B 1 6  ? 5.885   -3.513  -1.079  1.00 30.96 ? 18  DA  B "C2'" 1 
ATOM   354 C  "C1'" . DA  B 1 6  ? 4.498   -3.616  -1.701  1.00 28.57 ? 18  DA  B "C1'" 1 
ATOM   355 N  N9    . DA  B 1 6  ? 3.358   -3.355  -0.814  1.00 24.32 ? 18  DA  B N9    1 
ATOM   356 C  C8    . DA  B 1 6  ? 3.125   -3.921  0.417   1.00 23.94 ? 18  DA  B C8    1 
ATOM   357 N  N7    . DA  B 1 6  ? 1.999   -3.543  0.969   1.00 24.83 ? 18  DA  B N7    1 
ATOM   358 C  C5    . DA  B 1 6  ? 1.421   -2.698  0.037   1.00 23.08 ? 18  DA  B C5    1 
ATOM   359 C  C6    . DA  B 1 6  ? 0.206   -1.984  0.051   1.00 21.93 ? 18  DA  B C6    1 
ATOM   360 N  N6    . DA  B 1 6  ? -0.688  -2.057  1.033   1.00 22.48 ? 18  DA  B N6    1 
ATOM   361 N  N1    . DA  B 1 6  ? -0.072  -1.204  -1.025  1.00 21.23 ? 18  DA  B N1    1 
ATOM   362 C  C2    . DA  B 1 6  ? 0.818   -1.169  -2.023  1.00 22.35 ? 18  DA  B C2    1 
ATOM   363 N  N3    . DA  B 1 6  ? 1.980   -1.814  -2.155  1.00 22.34 ? 18  DA  B N3    1 
ATOM   364 C  C4    . DA  B 1 6  ? 2.244   -2.566  -1.065  1.00 23.13 ? 18  DA  B C4    1 
ATOM   365 P  P     . DT  B 1 7  ? 8.428   -2.671  -2.853  1.00 40.82 ? 19  DT  B P     1 
ATOM   366 O  OP1   . DT  B 1 7  ? 9.366   -2.751  -4.018  1.00 43.94 ? 19  DT  B OP1   1 
ATOM   367 O  OP2   . DT  B 1 7  ? 8.942   -2.642  -1.441  1.00 39.04 ? 19  DT  B OP2   1 
ATOM   368 O  "O5'" . DT  B 1 7  ? 7.530   -1.349  -3.015  1.00 37.68 ? 19  DT  B "O5'" 1 
ATOM   369 C  "C5'" . DT  B 1 7  ? 6.756   -1.183  -4.227  1.00 35.66 ? 19  DT  B "C5'" 1 
ATOM   370 C  "C4'" . DT  B 1 7  ? 5.889   0.042   -4.077  1.00 33.89 ? 19  DT  B "C4'" 1 
ATOM   371 O  "O4'" . DT  B 1 7  ? 4.897   -0.171  -3.049  1.00 30.10 ? 19  DT  B "O4'" 1 
ATOM   372 C  "C3'" . DT  B 1 7  ? 6.659   1.305   -3.681  1.00 34.89 ? 19  DT  B "C3'" 1 
ATOM   373 O  "O3'" . DT  B 1 7  ? 6.547   2.177   -4.805  1.00 39.96 ? 19  DT  B "O3'" 1 
ATOM   374 C  "C2'" . DT  B 1 7  ? 5.975   1.786   -2.402  1.00 33.35 ? 19  DT  B "C2'" 1 
ATOM   375 C  "C1'" . DT  B 1 7  ? 4.627   1.080   -2.435  1.00 27.79 ? 19  DT  B "C1'" 1 
ATOM   376 N  N1    . DT  B 1 7  ? 4.001   0.796   -1.120  1.00 26.95 ? 19  DT  B N1    1 
ATOM   377 C  C2    . DT  B 1 7  ? 2.738   1.305   -0.867  1.00 24.36 ? 19  DT  B C2    1 
ATOM   378 O  O2    . DT  B 1 7  ? 2.126   2.019   -1.658  1.00 26.34 ? 19  DT  B O2    1 
ATOM   379 N  N3    . DT  B 1 7  ? 2.205   0.962   0.349   1.00 23.97 ? 19  DT  B N3    1 
ATOM   380 C  C4    . DT  B 1 7  ? 2.792   0.160   1.316   1.00 22.19 ? 19  DT  B C4    1 
ATOM   381 O  O4    . DT  B 1 7  ? 2.163   -0.060  2.358   1.00 24.12 ? 19  DT  B O4    1 
ATOM   382 C  C5    . DT  B 1 7  ? 4.119   -0.333  0.990   1.00 24.01 ? 19  DT  B C5    1 
ATOM   383 C  C7    . DT  B 1 7  ? 4.828   -1.221  1.971   1.00 26.28 ? 19  DT  B C7    1 
ATOM   384 C  C6    . DT  B 1 7  ? 4.645   -0.018  -0.206  1.00 24.77 ? 19  DT  B C6    1 
ATOM   385 P  P     . DT  B 1 8  ? 7.232   3.629   -4.721  1.00 44.00 ? 20  DT  B P     1 
ATOM   386 O  OP1   . DT  B 1 8  ? 7.572   4.048   -6.127  1.00 50.68 ? 20  DT  B OP1   1 
ATOM   387 O  OP2   . DT  B 1 8  ? 8.346   3.635   -3.706  1.00 44.58 ? 20  DT  B OP2   1 
ATOM   388 O  "O5'" . DT  B 1 8  ? 5.995   4.507   -4.194  1.00 39.19 ? 20  DT  B "O5'" 1 
ATOM   389 C  "C5'" . DT  B 1 8  ? 4.739   4.454   -4.919  1.00 38.09 ? 20  DT  B "C5'" 1 
ATOM   390 C  "C4'" . DT  B 1 8  ? 3.707   5.322   -4.240  1.00 36.26 ? 20  DT  B "C4'" 1 
ATOM   391 O  "O4'" . DT  B 1 8  ? 3.318   4.747   -2.970  1.00 34.13 ? 20  DT  B "O4'" 1 
ATOM   392 C  "C3'" . DT  B 1 8  ? 4.133   6.761   -3.954  1.00 37.67 ? 20  DT  B "C3'" 1 
ATOM   393 O  "O3'" . DT  B 1 8  ? 3.095   7.585   -4.475  1.00 41.02 ? 20  DT  B "O3'" 1 
ATOM   394 C  "C2'" . DT  B 1 8  ? 4.230   6.818   -2.432  1.00 35.08 ? 20  DT  B "C2'" 1 
ATOM   395 C  "C1'" . DT  B 1 8  ? 3.193   5.787   -2.011  1.00 33.99 ? 20  DT  B "C1'" 1 
ATOM   396 N  N1    . DT  B 1 8  ? 3.385   5.137   -0.696  1.00 28.40 ? 20  DT  B N1    1 
ATOM   397 C  C2    . DT  B 1 8  ? 2.326   5.137   0.190   1.00 26.59 ? 20  DT  B C2    1 
ATOM   398 O  O2    . DT  B 1 8  ? 1.276   5.720   -0.018  1.00 29.62 ? 20  DT  B O2    1 
ATOM   399 N  N3    . DT  B 1 8  ? 2.550   4.445   1.356   1.00 25.49 ? 20  DT  B N3    1 
ATOM   400 C  C4    . DT  B 1 8  ? 3.688   3.752   1.715   1.00 27.55 ? 20  DT  B C4    1 
ATOM   401 O  O4    . DT  B 1 8  ? 3.720   3.163   2.808   1.00 28.35 ? 20  DT  B O4    1 
ATOM   402 C  C5    . DT  B 1 8  ? 4.757   3.775   0.736   1.00 28.11 ? 20  DT  B C5    1 
ATOM   403 C  C7    . DT  B 1 8  ? 6.038   3.053   1.038   1.00 30.31 ? 20  DT  B C7    1 
ATOM   404 C  C6    . DT  B 1 8  ? 4.548   4.441   -0.416  1.00 28.18 ? 20  DT  B C6    1 
ATOM   405 P  P     . DC  B 1 9  ? 3.424   9.157   -4.575  1.00 46.15 ? 21  DC  B P     1 
ATOM   406 O  OP1   . DC  B 1 9  ? 2.750   9.675   -5.814  1.00 49.83 ? 21  DC  B OP1   1 
ATOM   407 O  OP2   . DC  B 1 9  ? 4.892   9.419   -4.373  1.00 48.41 ? 21  DC  B OP2   1 
ATOM   408 O  "O5'" . DC  B 1 9  ? 2.629   9.698   -3.288  1.00 40.33 ? 21  DC  B "O5'" 1 
ATOM   409 C  "C5'" . DC  B 1 9  ? 1.223   9.383   -3.162  1.00 37.81 ? 21  DC  B "C5'" 1 
ATOM   410 C  "C4'" . DC  B 1 9  ? 0.722   9.767   -1.792  1.00 37.06 ? 21  DC  B "C4'" 1 
ATOM   411 O  "O4'" . DC  B 1 9  ? 1.224   8.861   -0.782  1.00 36.29 ? 21  DC  B "O4'" 1 
ATOM   412 C  "C3'" . DC  B 1 9  ? 1.078   11.178  -1.324  1.00 37.28 ? 21  DC  B "C3'" 1 
ATOM   413 O  "O3'" . DC  B 1 9  ? -0.169  11.830  -1.120  1.00 43.20 ? 21  DC  B "O3'" 1 
ATOM   414 C  "C2'" . DC  B 1 9  ? 1.868   10.960  -0.034  1.00 37.67 ? 21  DC  B "C2'" 1 
ATOM   415 C  "C1'" . DC  B 1 9  ? 1.405   9.586   0.416   1.00 35.65 ? 21  DC  B "C1'" 1 
ATOM   416 N  N1    . DC  B 1 9  ? 2.345   8.799   1.253   1.00 29.67 ? 21  DC  B N1    1 
ATOM   417 C  C2    . DC  B 1 9  ? 1.885   8.279   2.472   1.00 27.41 ? 21  DC  B C2    1 
ATOM   418 O  O2    . DC  B 1 9  ? 0.741   8.565   2.856   1.00 28.46 ? 21  DC  B O2    1 
ATOM   419 N  N3    . DC  B 1 9  ? 2.720   7.493   3.199   1.00 27.98 ? 21  DC  B N3    1 
ATOM   420 C  C4    . DC  B 1 9  ? 3.950   7.212   2.755   1.00 28.01 ? 21  DC  B C4    1 
ATOM   421 N  N4    . DC  B 1 9  ? 4.723   6.440   3.501   1.00 29.80 ? 21  DC  B N4    1 
ATOM   422 C  C5    . DC  B 1 9  ? 4.423   7.713   1.512   1.00 29.41 ? 21  DC  B C5    1 
ATOM   423 C  C6    . DC  B 1 9  ? 3.589   8.487   0.799   1.00 29.67 ? 21  DC  B C6    1 
ATOM   424 P  P     . DG  B 1 10 ? -0.111  13.436  -1.117  1.00 48.27 ? 22  DG  B P     1 
ATOM   425 O  OP1   . DG  B 1 10 ? -1.434  13.953  -1.610  1.00 49.22 ? 22  DG  B OP1   1 
ATOM   426 O  OP2   . DG  B 1 10 ? 1.177   13.947  -1.689  1.00 43.20 ? 22  DG  B OP2   1 
ATOM   427 O  "O5'" . DG  B 1 10 ? -0.002  13.744  0.453   1.00 43.93 ? 22  DG  B "O5'" 1 
ATOM   428 C  "C5'" . DG  B 1 10 ? -1.121  13.443  1.314   1.00 44.43 ? 22  DG  B "C5'" 1 
ATOM   429 C  "C4'" . DG  B 1 10 ? -0.651  13.605  2.739   1.00 44.35 ? 22  DG  B "C4'" 1 
ATOM   430 O  "O4'" . DG  B 1 10 ? 0.279   12.546  3.055   1.00 39.70 ? 22  DG  B "O4'" 1 
ATOM   431 C  "C3'" . DG  B 1 10 ? 0.087   14.917  3.024   1.00 43.54 ? 22  DG  B "C3'" 1 
ATOM   432 O  "O3'" . DG  B 1 10 ? -0.335  15.362  4.306   1.00 47.00 ? 22  DG  B "O3'" 1 
ATOM   433 C  "C2'" . DG  B 1 10 ? 1.548   14.483  3.067   1.00 42.12 ? 22  DG  B "C2'" 1 
ATOM   434 C  "C1'" . DG  B 1 10 ? 1.372   13.137  3.743   1.00 37.92 ? 22  DG  B "C1'" 1 
ATOM   435 N  N9    . DG  B 1 10 ? 2.527   12.243  3.744   1.00 33.21 ? 22  DG  B N9    1 
ATOM   436 C  C8    . DG  B 1 10 ? 3.608   12.163  2.905   1.00 30.88 ? 22  DG  B C8    1 
ATOM   437 N  N7    . DG  B 1 10 ? 4.472   11.242  3.255   1.00 31.74 ? 22  DG  B N7    1 
ATOM   438 C  C5    . DG  B 1 10 ? 3.925   10.698  4.414   1.00 29.16 ? 22  DG  B C5    1 
ATOM   439 C  C6    . DG  B 1 10 ? 4.415   9.661   5.240   1.00 26.11 ? 22  DG  B C6    1 
ATOM   440 O  O6    . DG  B 1 10 ? 5.447   9.002   5.092   1.00 28.89 ? 22  DG  B O6    1 
ATOM   441 N  N1    . DG  B 1 10 ? 3.553   9.430   6.316   1.00 25.08 ? 22  DG  B N1    1 
ATOM   442 C  C2    . DG  B 1 10 ? 2.373   10.080  6.555   1.00 26.84 ? 22  DG  B C2    1 
ATOM   443 N  N2    . DG  B 1 10 ? 1.690   9.708   7.647   1.00 26.52 ? 22  DG  B N2    1 
ATOM   444 N  N3    . DG  B 1 10 ? 1.899   11.055  5.776   1.00 29.28 ? 22  DG  B N3    1 
ATOM   445 C  C4    . DG  B 1 10 ? 2.728   11.301  4.727   1.00 29.98 ? 22  DG  B C4    1 
ATOM   446 P  P     . DC  B 1 11 ? -0.462  16.955  4.453   1.00 54.47 ? 23  DC  B P     1 
ATOM   447 O  OP1   . DC  B 1 11 ? -1.688  17.429  3.723   1.00 52.11 ? 23  DC  B OP1   1 
ATOM   448 O  OP2   . DC  B 1 11 ? 0.874   17.599  4.209   1.00 44.97 ? 23  DC  B OP2   1 
ATOM   449 O  "O5'" . DC  B 1 11 ? -0.743  17.058  6.031   1.00 47.82 ? 23  DC  B "O5'" 1 
ATOM   450 C  "C5'" . DC  B 1 11 ? -1.844  16.316  6.602   1.00 42.25 ? 23  DC  B "C5'" 1 
ATOM   451 C  "C4'" . DC  B 1 11 ? -1.345  15.531  7.791   1.00 38.97 ? 23  DC  B "C4'" 1 
ATOM   452 O  "O4'" . DC  B 1 11 ? -0.452  14.489  7.352   1.00 37.01 ? 23  DC  B "O4'" 1 
ATOM   453 C  "C3'" . DC  B 1 11 ? -0.527  16.316  8.814   1.00 36.93 ? 23  DC  B "C3'" 1 
ATOM   454 O  "O3'" . DC  B 1 11 ? -1.403  16.907  9.759   1.00 36.22 ? 23  DC  B "O3'" 1 
ATOM   455 C  "C2'" . DC  B 1 11 ? 0.247   15.209  9.507   1.00 35.98 ? 23  DC  B "C2'" 1 
ATOM   456 C  "C1'" . DC  B 1 11 ? 0.423   14.167  8.418   1.00 34.73 ? 23  DC  B "C1'" 1 
ATOM   457 N  N1    . DC  B 1 11 ? 1.790   14.042  7.871   1.00 31.99 ? 23  DC  B N1    1 
ATOM   458 C  C2    . DC  B 1 11 ? 2.637   13.098  8.450   1.00 29.07 ? 23  DC  B C2    1 
ATOM   459 O  O2    . DC  B 1 11 ? 2.224   12.475  9.440   1.00 30.36 ? 23  DC  B O2    1 
ATOM   460 N  N3    . DC  B 1 11 ? 3.875   12.917  7.937   1.00 29.23 ? 23  DC  B N3    1 
ATOM   461 C  C4    . DC  B 1 11 ? 4.275   13.636  6.879   1.00 27.97 ? 23  DC  B C4    1 
ATOM   462 N  N4    . DC  B 1 11 ? 5.492   13.421  6.419   1.00 30.36 ? 23  DC  B N4    1 
ATOM   463 C  C5    . DC  B 1 11 ? 3.422   14.609  6.279   1.00 30.28 ? 23  DC  B C5    1 
ATOM   464 C  C6    . DC  B 1 11 ? 2.198   14.773  6.797   1.00 29.68 ? 23  DC  B C6    1 
ATOM   465 P  P     . DG  B 1 12 ? -0.782  18.059  10.697  1.00 36.04 ? 24  DG  B P     1 
ATOM   466 O  OP1   . DG  B 1 12 ? -1.956  18.823  11.239  1.00 36.89 ? 24  DG  B OP1   1 
ATOM   467 O  OP2   . DG  B 1 12 ? 0.347   18.809  10.034  1.00 37.41 ? 24  DG  B OP2   1 
ATOM   468 O  "O5'" . DG  B 1 12 ? -0.104  17.260  11.919  1.00 35.02 ? 24  DG  B "O5'" 1 
ATOM   469 C  "C5'" . DG  B 1 12 ? -0.870  16.366  12.764  1.00 30.23 ? 24  DG  B "C5'" 1 
ATOM   470 C  "C4'" . DG  B 1 12 ? 0.122   15.533  13.548  1.00 28.63 ? 24  DG  B "C4'" 1 
ATOM   471 O  "O4'" . DG  B 1 12 ? 0.881   14.726  12.625  1.00 26.85 ? 24  DG  B "O4'" 1 
ATOM   472 C  "C3'" . DG  B 1 12 ? 1.175   16.344  14.295  1.00 29.74 ? 24  DG  B "C3'" 1 
ATOM   473 O  "O3'" . DG  B 1 12 ? 0.703   16.727  15.581  1.00 29.74 ? 24  DG  B "O3'" 1 
ATOM   474 C  "C2'" . DG  B 1 12 ? 2.339   15.366  14.400  1.00 28.69 ? 24  DG  B "C2'" 1 
ATOM   475 C  "C1'" . DG  B 1 12 ? 2.232   14.600  13.090  1.00 27.87 ? 24  DG  B "C1'" 1 
ATOM   476 N  N9    . DG  B 1 12 ? 3.117   15.042  12.008  1.00 26.45 ? 24  DG  B N9    1 
ATOM   477 C  C8    . DG  B 1 12 ? 2.909   16.029  11.078  1.00 27.41 ? 24  DG  B C8    1 
ATOM   478 N  N7    . DG  B 1 12 ? 3.875   16.107  10.188  1.00 29.10 ? 24  DG  B N7    1 
ATOM   479 C  C5    . DG  B 1 12 ? 4.763   15.103  10.556  1.00 26.57 ? 24  DG  B C5    1 
ATOM   480 C  C6    . DG  B 1 12 ? 5.994   14.707  9.973   1.00 27.10 ? 24  DG  B C6    1 
ATOM   481 O  O6    . DG  B 1 12 ? 6.543   15.194  8.976   1.00 30.53 ? 24  DG  B O6    1 
ATOM   482 N  N1    . DG  B 1 12 ? 6.581   13.639  10.661  1.00 26.46 ? 24  DG  B N1    1 
ATOM   483 C  C2    . DG  B 1 12 ? 6.056   13.033  11.774  1.00 26.23 ? 24  DG  B C2    1 
ATOM   484 N  N2    . DG  B 1 12 ? 6.760   12.029  12.314  1.00 28.06 ? 24  DG  B N2    1 
ATOM   485 N  N3    . DG  B 1 12 ? 4.902   13.409  12.324  1.00 26.27 ? 24  DG  B N3    1 
ATOM   486 C  C4    . DG  B 1 12 ? 4.306   14.430  11.664  1.00 25.48 ? 24  DG  B C4    1 
HETATM 487 PT PT    A PT  C 2 .  ? -3.332  -5.590  -10.804 0.20 57.93 ? 101 PT  A PT    1 
HETATM 488 MG MG    . MG  D 3 .  ? 9.686   9.540   4.262   0.70 31.42 ? 102 MG  A MG    1 
HETATM 489 C  C2    . A6R E 4 .  ? -12.204 -7.063  -7.261  0.20 42.28 ? 101 A6R B C2    1 
HETATM 490 C  C3    . A6R E 4 .  ? -6.495  -7.805  -10.773 0.20 40.04 ? 101 A6R B C3    1 
HETATM 491 C  C4    . A6R E 4 .  ? -5.293  -7.939  -11.662 0.20 40.04 ? 101 A6R B C4    1 
HETATM 492 PT PT1   . A6R E 4 .  ? -8.437  -8.488  -8.742  0.20 39.31 ? 101 A6R B PT1   1 
HETATM 493 AS AS1   . A6R E 4 .  ? -8.960  -6.701  -10.009 0.20 44.12 ? 101 A6R B AS1   1 
HETATM 494 O  O1    . A6R E 4 .  ? -10.668 -6.440  -8.957  0.20 42.86 ? 101 A6R B O1    1 
HETATM 495 O  O2    . A6R E 4 .  ? -7.322  -6.857  -11.095 0.20 42.87 ? 101 A6R B O2    1 
HETATM 496 O  O3    . A6R E 4 .  ? -9.842  -6.809  -11.486 0.20 43.50 ? 101 A6R B O3    1 
HETATM 497 O  O4    . A6R E 4 .  ? -8.667  -5.032  -9.708  0.20 45.16 ? 101 A6R B O4    1 
HETATM 498 N  N1    . A6R E 4 .  ? -10.143 -8.295  -7.722  0.20 40.26 ? 101 A6R B N1    1 
HETATM 499 N  N2    . A6R E 4 .  ? -6.802  -8.682  -9.881  0.20 38.91 ? 101 A6R B N2    1 
HETATM 500 C  C1    . A6R E 4 .  ? -10.967 -7.339  -8.052  0.20 41.59 ? 101 A6R B C1    1 
HETATM 501 O  O     . HOH F 5 .  ? -5.873  1.584   -7.346  1.00 53.91 ? 201 HOH A O     1 
HETATM 502 O  O     . HOH F 5 .  ? 7.171   -9.439  -8.131  1.00 48.72 ? 202 HOH A O     1 
HETATM 503 O  O     . HOH F 5 .  ? -4.933  -1.795  2.179   1.00 36.16 ? 203 HOH A O     1 
HETATM 504 O  O     . HOH F 5 .  ? 11.368  10.595  4.679   1.00 38.87 ? 204 HOH A O     1 
HETATM 505 O  O     . HOH F 5 .  ? -6.602  -2.559  -1.755  1.00 36.92 ? 205 HOH A O     1 
HETATM 506 O  O     . HOH F 5 .  ? -4.323  0.316   4.355   1.00 42.90 ? 206 HOH A O     1 
HETATM 507 O  O     B HOH F 5 .  ? -5.726  -4.990  -9.023  0.80 42.36 ? 207 HOH A O     1 
HETATM 508 O  O     . HOH F 5 .  ? 2.728   -6.065  -4.482  1.00 26.74 ? 208 HOH A O     1 
HETATM 509 O  O     . HOH F 5 .  ? -1.115  6.112   -1.403  1.00 33.25 ? 209 HOH A O     1 
HETATM 510 O  O     . HOH F 5 .  ? 1.376   -10.033 -5.805  1.00 32.11 ? 210 HOH A O     1 
HETATM 511 O  O     . HOH F 5 .  ? 0.717   -22.522 -6.219  1.00 41.96 ? 211 HOH A O     1 
HETATM 512 O  O     . HOH F 5 .  ? -7.738  2.988   -2.815  1.00 34.39 ? 212 HOH A O     1 
HETATM 513 O  O     . HOH F 5 .  ? -9.967  9.238   -2.266  1.00 38.28 ? 213 HOH A O     1 
HETATM 514 O  O     . HOH F 5 .  ? -2.603  7.959   2.440   1.00 44.39 ? 214 HOH A O     1 
HETATM 515 O  O     . HOH F 5 .  ? 9.901   8.371   6.113   1.00 36.94 ? 215 HOH A O     1 
HETATM 516 O  O     . HOH F 5 .  ? -2.100  -0.916  4.761   1.00 43.57 ? 216 HOH A O     1 
HETATM 517 O  O     . HOH F 5 .  ? 8.601   10.880  5.104   1.00 37.14 ? 217 HOH A O     1 
HETATM 518 O  O     . HOH F 5 .  ? 1.637   0.508   6.559   1.00 46.40 ? 218 HOH A O     1 
HETATM 519 O  O     . HOH F 5 .  ? -6.117  -3.079  -7.114  1.00 29.35 ? 219 HOH A O     1 
HETATM 520 O  O     . HOH F 5 .  ? 8.999   13.606  4.607   1.00 41.99 ? 220 HOH A O     1 
HETATM 521 O  O     . HOH F 5 .  ? 10.904  7.974   3.345   1.00 40.89 ? 221 HOH A O     1 
HETATM 522 O  O     . HOH F 5 .  ? -1.486  -9.755  -12.574 1.00 41.28 ? 222 HOH A O     1 
HETATM 523 O  O     . HOH F 5 .  ? 6.454   -4.062  -6.973  1.00 38.43 ? 223 HOH A O     1 
HETATM 524 O  O     . HOH F 5 .  ? 9.442   10.668  2.548   1.00 34.59 ? 224 HOH A O     1 
HETATM 525 O  O     . HOH F 5 .  ? -7.640  2.833   2.449   1.00 41.88 ? 225 HOH A O     1 
HETATM 526 O  O     . HOH F 5 .  ? 4.506   0.851   15.885  1.00 53.62 ? 226 HOH A O     1 
HETATM 527 O  O     . HOH F 5 .  ? -2.690  8.172   -0.654  1.00 37.69 ? 227 HOH A O     1 
HETATM 528 O  O     . HOH F 5 .  ? 2.609   1.047   -5.802  1.00 39.58 ? 228 HOH A O     1 
HETATM 529 O  O     . HOH F 5 .  ? -0.231  5.362   -4.125  1.00 37.32 ? 229 HOH A O     1 
HETATM 530 O  O     . HOH F 5 .  ? 3.608   -8.597  -4.896  1.00 38.14 ? 230 HOH A O     1 
HETATM 531 O  O     . HOH F 5 .  ? 3.826   2.196   -7.820  1.00 46.73 ? 231 HOH A O     1 
HETATM 532 O  O     . HOH F 5 .  ? -9.471  2.638   0.403   1.00 40.41 ? 232 HOH A O     1 
HETATM 533 O  O     . HOH F 5 .  ? -9.131  10.260  0.204   1.00 46.92 ? 233 HOH A O     1 
HETATM 534 O  O     . HOH F 5 .  ? -5.121  -0.734  -8.642  1.00 36.05 ? 234 HOH A O     1 
HETATM 535 O  O     . HOH F 5 .  ? 15.106  13.988  8.826   1.00 38.29 ? 235 HOH A O     1 
HETATM 536 O  O     . HOH F 5 .  ? 6.102   -8.900  -5.573  1.00 51.37 ? 236 HOH A O     1 
HETATM 537 O  O     . HOH F 5 .  ? 9.148   3.096   8.071   1.00 58.68 ? 237 HOH A O     1 
HETATM 538 O  O     . HOH F 5 .  ? -8.704  -1.065  -2.006  1.00 48.52 ? 238 HOH A O     1 
HETATM 539 O  O     . HOH G 5 .  ? 4.151   -11.004 3.843   1.00 50.38 ? 201 HOH B O     1 
HETATM 540 O  O     . HOH G 5 .  ? -13.053 -14.538 -1.094  1.00 45.46 ? 202 HOH B O     1 
HETATM 541 O  O     . HOH G 5 .  ? 2.619   -1.492  4.449   1.00 41.40 ? 203 HOH B O     1 
HETATM 542 O  O     . HOH G 5 .  ? -5.535  -7.626  3.115   1.00 59.23 ? 204 HOH B O     1 
HETATM 543 O  O     . HOH G 5 .  ? -0.693  11.691  5.996   1.00 51.63 ? 205 HOH B O     1 
HETATM 544 O  O     . HOH G 5 .  ? -10.746 -14.634 -12.976 1.00 55.91 ? 206 HOH B O     1 
HETATM 545 O  O     . HOH G 5 .  ? 0.996   2.747   -4.002  1.00 31.04 ? 207 HOH B O     1 
HETATM 546 O  O     . HOH G 5 .  ? 1.592   -4.355  3.528   1.00 35.90 ? 208 HOH B O     1 
HETATM 547 O  O     . HOH G 5 .  ? -2.585  -5.646  2.870   1.00 41.46 ? 209 HOH B O     1 
HETATM 548 O  O     . HOH G 5 .  ? 7.631   5.238   -1.589  1.00 51.72 ? 210 HOH B O     1 
HETATM 549 O  O     . HOH G 5 .  ? -6.749  -5.106  -2.536  1.00 38.94 ? 211 HOH B O     1 
HETATM 550 O  O     . HOH G 5 .  ? 2.857   18.264  8.710   1.00 39.08 ? 212 HOH B O     1 
HETATM 551 O  O     . HOH G 5 .  ? 6.696   10.881  1.545   1.00 44.92 ? 213 HOH B O     1 
HETATM 552 O  O     . HOH G 5 .  ? 6.064   3.362   -8.422  1.00 52.48 ? 214 HOH B O     1 
HETATM 553 O  O     . HOH G 5 .  ? 2.670   -1.618  -4.902  1.00 27.38 ? 215 HOH B O     1 
HETATM 554 O  O     . HOH G 5 .  ? -9.009  -5.678  -6.040  1.00 49.04 ? 216 HOH B O     1 
HETATM 555 O  O     . HOH G 5 .  ? 7.874   8.602   3.540   1.00 40.81 ? 217 HOH B O     1 
HETATM 556 O  O     . HOH G 5 .  ? -1.999  16.374  16.645  1.00 38.62 ? 218 HOH B O     1 
HETATM 557 O  O     . HOH G 5 .  ? 7.555   6.084   2.689   1.00 37.36 ? 219 HOH B O     1 
HETATM 558 O  O     . HOH G 5 .  ? -0.901  -3.287  3.794   1.00 43.86 ? 220 HOH B O     1 
HETATM 559 O  O     . HOH G 5 .  ? -5.004  -10.874 -14.669 1.00 45.66 ? 221 HOH B O     1 
HETATM 560 O  O     . HOH G 5 .  ? 6.141   15.009  3.885   1.00 41.46 ? 222 HOH B O     1 
HETATM 561 O  O     . HOH G 5 .  ? -4.564  -4.513  1.678   1.00 46.30 ? 223 HOH B O     1 
HETATM 562 O  O     . HOH G 5 .  ? 8.055   -0.155  0.129   1.00 37.46 ? 224 HOH B O     1 
HETATM 563 O  O     . HOH G 5 .  ? 8.387   -3.828  1.373   1.00 52.11 ? 225 HOH B O     1 
HETATM 564 O  O     . HOH G 5 .  ? 5.748   -4.941  2.139   1.00 41.51 ? 226 HOH B O     1 
HETATM 565 O  O     . HOH G 5 .  ? 6.102   6.525   -7.816  1.00 61.27 ? 227 HOH B O     1 
HETATM 566 O  O     . HOH G 5 .  ? 4.280   -3.810  -5.435  1.00 31.57 ? 228 HOH B O     1 
HETATM 567 O  O     . HOH G 5 .  ? 0.098   6.872   -6.220  1.00 44.54 ? 229 HOH B O     1 
HETATM 568 O  O     . HOH G 5 .  ? -8.371  -2.492  -6.196  1.00 57.31 ? 230 HOH B O     1 
HETATM 569 O  O     . HOH G 5 .  ? 1.953   5.013   -7.938  1.00 44.61 ? 231 HOH B O     1 
# 
